data_6MI7
#
_entry.id   6MI7
#
_cell.length_a   1.0
_cell.length_b   1.0
_cell.length_c   1.0
_cell.angle_alpha   90.00
_cell.angle_beta   90.00
_cell.angle_gamma   90.00
#
_symmetry.space_group_name_H-M   'P 1'
#
loop_
_entity.id
_entity.type
_entity.pdbx_description
1 polymer 'Lipopolysaccharide export system permease protein LptF'
2 polymer 'Lipopolysaccharide export system permease protein LptG'
3 polymer 'Lipopolysaccharide export system ATP-binding protein LptB'
4 polymer 'Lipopolysaccharide export system protein LptC'
5 non-polymer '(1S)-2-{[{[(2R)-2,3-DIHYDROXYPROPYL]OXY}(HYDROXY)PHOSPHORYL]OXY}-1-[(PALMITOYLOXY)METHYL]ETHYL STEARATE'
#
loop_
_entity_poly.entity_id
_entity_poly.type
_entity_poly.pdbx_seq_one_letter_code
_entity_poly.pdbx_strand_id
1 'polypeptide(L)'
;MIIIRYLVRETLKSQLAILFILLLIFFCQKLVRILGAAVDGDIPANLVLSLLGLGVPEMAQLILPLSLFLGLLMTLGKLY
TESEITVMHACGLSKAVLVKAAMILAVFTAIVAAVNVMWAGPWSSRHQDEVLAEAKANPGMAALAQGQFQQATNGSSVLF
IESVDGSDFKDVFLAQIRPKGNARPSVVVADSGHLTQLRDGSQVVTLNQGTRFEGTALLRDFRITDFQDYQAIIGHQAVA
LDPNDTDQMDMRTLWNTDTDRARAELNWRITLVFTVFMMALMVVPLSVVNPRQGRVLSMLPAMLLYLLFFLIQTSLKSNG
GKGKLDPTLWMWTVNLIYLALAIVLNLWDTVPVRRLRASFSRKGAV
;
F
2 'polypeptide(L)'
;MQPFGVLDRYIGKTIFTTIMMTLFMLVSLSGIIKFVDQLKKAGQGSYDALGAGMYTLLSVPKDVQIFFPMAALLGALLGL
GMLAQRSELVVMQASGFTRMQVALSVMKTAIPLVLLTMAIGEWVAPQGEQMARNYRAQAMYGGSLLSTQQGLWAKDGNNF
VYIERVKGDEELGGISIYAFNENRRLQSVRYAATAKFDPEHKVWRLSQVDESDLTNPKQITGSQTVSGTWKTNLTPDKLG
VVALDPDALSISGLHNYVKYLKSSGQDAGRYQLNMWSKIFQPLSVAVMMLMALSFIFGPLRSVPMGVRVVTGISFGFVFY
VLDQIFGPLTLVYGIPPIIGALLPSASFFLISLWLLMRKS
;
G
3 'polypeptide(L)'
;MGHHHHHHHHMATLTAKNLAKAYKGRRVVEDVSLTVNSGEIVGLLGPNGAGKTTTFYMVVGIVPRDAGNIIIDDDDISLL
PLHARARRGIGYLPQEASIFRRLSVYDNLMAVLQIRDDLSAEQREDRANELMEEFHIEHLRDSMGQSLSGGERRRVEIAR
ALAANPKFILLDEPFAGVDPISVIDIKRIIEHLRDSGLGVLITDHNVRETLAVCERAYIVSQGHLIAHGTPTEILQDEHV
KRVYLGEDFRL
;
A,B
4 'polypeptide(L)'
;MWSHPQFEKENLYFQGGMSKARRWVIIVLSLAVLVMIGINMAEKDDTAQVVVNNNDPTYKSEHTDTLVYNPEGALSYRLI
AQHVEYYSDQAVSWFTQPVLTTFDKDKIPTWSVKADKAKLTNDRMLYLYGHVEVNALVPDSQLRRITTDNAQINLVTQDV
TSEDLVTLYGTTFNSSGLKMRGNLRSKNAELIEKVRTSYEIQNKQTQP
;
C
#
loop_
_chem_comp.id
_chem_comp.type
_chem_comp.name
_chem_comp.formula
PGT non-polymer '(1S)-2-{[{[(2R)-2,3-DIHYDROXYPROPYL]OXY}(HYDROXY)PHOSPHORYL]OXY}-1-[(PALMITOYLOXY)METHYL]ETHYL STEARATE' 'C40 H79 O10 P'
#
# COMPACT_ATOMS: atom_id res chain seq x y z
N ILE A 2 10.28 -27.72 11.01
CA ILE A 2 11.17 -26.68 10.52
C ILE A 2 10.38 -25.51 9.97
N ILE A 3 9.58 -25.76 8.92
CA ILE A 3 8.78 -24.69 8.35
C ILE A 3 7.61 -24.34 9.26
N ILE A 4 7.19 -25.26 10.12
CA ILE A 4 6.22 -24.91 11.16
C ILE A 4 6.90 -24.06 12.21
N ARG A 5 8.18 -24.32 12.48
CA ARG A 5 8.95 -23.49 13.40
C ARG A 5 9.25 -22.12 12.81
N TYR A 6 9.20 -21.97 11.48
CA TYR A 6 9.41 -20.67 10.87
C TYR A 6 8.23 -19.74 11.12
N LEU A 7 7.02 -20.27 11.20
CA LEU A 7 5.86 -19.42 11.45
C LEU A 7 5.76 -19.05 12.92
N VAL A 8 5.74 -20.05 13.80
CA VAL A 8 5.39 -19.81 15.20
C VAL A 8 6.47 -19.09 15.98
N ARG A 9 7.69 -18.98 15.44
CA ARG A 9 8.65 -18.07 16.04
C ARG A 9 8.45 -16.63 15.58
N GLU A 10 7.62 -16.42 14.56
CA GLU A 10 7.42 -15.09 14.00
C GLU A 10 6.04 -14.52 14.27
N THR A 11 5.00 -15.35 14.24
CA THR A 11 3.69 -14.86 14.64
C THR A 11 3.65 -14.58 16.14
N LEU A 12 4.46 -15.28 16.93
CA LEU A 12 4.58 -15.01 18.34
C LEU A 12 5.53 -13.87 18.61
N LYS A 13 6.37 -13.52 17.62
CA LYS A 13 7.16 -12.30 17.66
C LYS A 13 6.31 -11.09 17.35
N SER A 14 5.14 -11.28 16.75
CA SER A 14 4.18 -10.21 16.54
C SER A 14 2.88 -10.42 17.30
N GLN A 15 2.74 -11.55 18.01
CA GLN A 15 1.65 -11.70 18.96
C GLN A 15 1.83 -10.75 20.14
N LEU A 16 3.03 -10.72 20.70
CA LEU A 16 3.29 -9.89 21.88
C LEU A 16 3.32 -8.42 21.53
N ALA A 17 3.69 -8.08 20.30
CA ALA A 17 3.73 -6.67 19.89
C ALA A 17 2.33 -6.10 19.73
N ILE A 18 1.40 -6.89 19.19
CA ILE A 18 0.02 -6.44 19.12
C ILE A 18 -0.69 -6.63 20.44
N LEU A 19 -0.08 -7.34 21.39
CA LEU A 19 -0.69 -7.51 22.70
C LEU A 19 -0.55 -6.25 23.55
N PHE A 20 0.68 -5.72 23.63
CA PHE A 20 0.94 -4.61 24.54
C PHE A 20 0.34 -3.30 24.03
N ILE A 21 0.21 -3.15 22.71
CA ILE A 21 -0.50 -1.99 22.17
C ILE A 21 -2.01 -2.16 22.29
N LEU A 22 -2.48 -3.36 22.60
CA LEU A 22 -3.90 -3.57 22.87
C LEU A 22 -4.22 -3.56 24.35
N LEU A 23 -3.28 -3.99 25.20
CA LEU A 23 -3.49 -3.91 26.64
C LEU A 23 -3.36 -2.48 27.13
N LEU A 24 -2.69 -1.61 26.38
CA LEU A 24 -2.58 -0.20 26.73
C LEU A 24 -3.72 0.63 26.15
N ILE A 25 -4.32 0.21 25.03
CA ILE A 25 -5.41 0.98 24.45
C ILE A 25 -6.72 0.76 25.21
N PHE A 26 -6.80 -0.26 26.05
CA PHE A 26 -8.00 -0.47 26.85
C PHE A 26 -7.84 -0.01 28.30
N PHE A 27 -6.64 0.40 28.72
CA PHE A 27 -6.55 1.20 29.94
C PHE A 27 -7.14 2.59 29.72
N CYS A 28 -6.85 3.21 28.58
CA CYS A 28 -7.34 4.55 28.29
C CYS A 28 -8.78 4.56 27.78
N GLN A 29 -9.51 3.46 27.92
CA GLN A 29 -10.96 3.48 27.88
C GLN A 29 -11.57 3.06 29.22
N LYS A 30 -10.73 2.74 30.20
CA LYS A 30 -11.17 2.45 31.56
C LYS A 30 -10.65 3.47 32.57
N LEU A 31 -9.43 3.95 32.39
CA LEU A 31 -8.91 5.02 33.25
C LEU A 31 -9.59 6.35 32.96
N VAL A 32 -10.19 6.51 31.78
CA VAL A 32 -11.15 7.58 31.56
C VAL A 32 -12.35 7.39 32.47
N ARG A 33 -12.82 6.15 32.61
CA ARG A 33 -14.04 5.85 33.36
C ARG A 33 -13.83 5.80 34.86
N ILE A 34 -12.65 6.12 35.37
CA ILE A 34 -12.47 6.45 36.78
C ILE A 34 -12.22 7.95 36.96
N LEU A 35 -12.36 8.73 35.91
CA LEU A 35 -12.29 10.18 36.02
C LEU A 35 -13.54 10.78 35.39
N GLY A 36 -14.00 10.18 34.30
CA GLY A 36 -15.23 10.61 33.67
C GLY A 36 -16.49 10.04 34.26
N ALA A 37 -16.35 9.19 35.29
CA ALA A 37 -17.52 8.59 35.94
C ALA A 37 -17.43 8.73 37.46
N ALA A 38 -16.22 8.91 37.99
CA ALA A 38 -16.07 9.11 39.43
C ALA A 38 -16.64 10.45 39.87
N VAL A 39 -16.59 11.46 38.99
CA VAL A 39 -17.28 12.72 39.25
C VAL A 39 -18.73 12.69 38.81
N ASP A 40 -19.20 11.57 38.26
CA ASP A 40 -20.56 11.47 37.73
C ASP A 40 -21.37 10.30 38.26
N GLY A 41 -20.75 9.24 38.77
CA GLY A 41 -21.49 8.06 39.15
C GLY A 41 -21.06 7.40 40.45
N ASP A 42 -20.44 8.18 41.35
CA ASP A 42 -20.17 7.82 42.75
C ASP A 42 -19.28 6.59 42.87
N ILE A 43 -18.04 6.76 42.40
CA ILE A 43 -16.98 5.77 42.56
C ILE A 43 -15.79 6.47 43.19
N PRO A 44 -15.21 5.94 44.28
CA PRO A 44 -14.19 6.68 45.02
C PRO A 44 -12.86 6.78 44.28
N ALA A 45 -11.94 7.53 44.87
CA ALA A 45 -10.76 8.04 44.17
C ALA A 45 -9.55 7.10 44.26
N ASN A 46 -9.10 6.78 45.47
CA ASN A 46 -7.88 6.01 45.65
C ASN A 46 -8.13 4.52 45.80
N LEU A 47 -9.26 4.02 45.29
CA LEU A 47 -9.51 2.59 45.17
C LEU A 47 -9.13 2.08 43.79
N VAL A 48 -8.75 2.98 42.87
CA VAL A 48 -8.41 2.65 41.49
C VAL A 48 -7.15 1.80 41.39
N LEU A 49 -6.26 1.89 42.40
CA LEU A 49 -4.97 1.19 42.37
C LEU A 49 -5.13 -0.33 42.33
N SER A 50 -6.25 -0.86 42.80
CA SER A 50 -6.61 -2.24 42.54
C SER A 50 -7.86 -2.39 41.68
N LEU A 51 -8.67 -1.33 41.52
CA LEU A 51 -9.80 -1.39 40.62
C LEU A 51 -9.34 -1.40 39.16
N LEU A 52 -8.42 -0.49 38.82
CA LEU A 52 -7.81 -0.52 37.49
C LEU A 52 -6.66 -1.52 37.44
N GLY A 53 -6.01 -1.78 38.58
CA GLY A 53 -4.91 -2.72 38.63
C GLY A 53 -5.34 -4.16 38.45
N LEU A 54 -6.10 -4.68 39.42
CA LEU A 54 -6.62 -6.04 39.35
C LEU A 54 -8.06 -6.09 38.85
N GLY A 55 -8.42 -5.19 37.96
CA GLY A 55 -9.64 -5.28 37.18
C GLY A 55 -9.42 -5.85 35.81
N VAL A 56 -8.20 -6.25 35.48
CA VAL A 56 -7.83 -6.77 34.16
C VAL A 56 -8.51 -8.06 33.71
N PRO A 57 -9.02 -8.99 34.53
CA PRO A 57 -9.78 -10.10 33.92
C PRO A 57 -11.17 -9.72 33.44
N GLU A 58 -11.61 -8.47 33.62
CA GLU A 58 -12.80 -8.02 32.90
C GLU A 58 -12.49 -7.83 31.42
N MET A 59 -11.22 -7.55 31.08
CA MET A 59 -10.82 -7.28 29.71
C MET A 59 -9.88 -8.34 29.13
N ALA A 60 -9.02 -8.95 29.95
CA ALA A 60 -8.12 -9.99 29.44
C ALA A 60 -8.82 -11.31 29.18
N GLN A 61 -10.10 -11.43 29.50
CA GLN A 61 -10.92 -12.54 29.02
C GLN A 61 -11.54 -12.23 27.67
N LEU A 62 -11.21 -11.07 27.09
CA LEU A 62 -11.91 -10.57 25.91
C LEU A 62 -10.95 -10.21 24.79
N ILE A 63 -9.64 -10.17 25.04
CA ILE A 63 -8.68 -9.75 24.04
C ILE A 63 -7.72 -10.84 23.62
N LEU A 64 -7.54 -11.89 24.42
CA LEU A 64 -6.76 -13.04 23.96
C LEU A 64 -7.33 -13.76 22.75
N PRO A 65 -8.65 -13.94 22.56
CA PRO A 65 -9.11 -14.37 21.24
C PRO A 65 -9.00 -13.31 20.17
N LEU A 66 -8.86 -12.03 20.52
CA LEU A 66 -8.66 -11.03 19.49
C LEU A 66 -7.19 -10.86 19.15
N SER A 67 -6.30 -11.01 20.12
CA SER A 67 -4.89 -10.81 19.82
C SER A 67 -4.29 -12.00 19.11
N LEU A 68 -4.82 -13.20 19.36
CA LEU A 68 -4.32 -14.37 18.63
C LEU A 68 -4.85 -14.37 17.20
N PHE A 69 -6.08 -13.92 17.01
CA PHE A 69 -6.66 -13.76 15.69
C PHE A 69 -5.92 -12.72 14.88
N LEU A 70 -5.97 -11.46 15.33
CA LEU A 70 -5.40 -10.36 14.57
C LEU A 70 -3.89 -10.33 14.63
N GLY A 71 -3.27 -11.07 15.55
CA GLY A 71 -1.85 -11.30 15.44
C GLY A 71 -1.51 -12.20 14.26
N LEU A 72 -2.31 -13.25 14.06
CA LEU A 72 -2.05 -14.20 12.99
C LEU A 72 -2.41 -13.61 11.63
N LEU A 73 -3.47 -12.80 11.58
CA LEU A 73 -3.89 -12.20 10.32
C LEU A 73 -2.88 -11.19 9.81
N MET A 74 -2.30 -10.39 10.72
CA MET A 74 -1.35 -9.37 10.32
C MET A 74 -0.05 -9.98 9.81
N THR A 75 0.37 -11.10 10.39
CA THR A 75 1.63 -11.71 10.01
C THR A 75 1.49 -12.67 8.85
N LEU A 76 0.28 -12.94 8.39
CA LEU A 76 0.12 -13.57 7.08
C LEU A 76 -0.02 -12.54 5.97
N GLY A 77 -0.51 -11.35 6.30
CA GLY A 77 -0.52 -10.27 5.33
C GLY A 77 0.87 -9.79 4.96
N LYS A 78 1.79 -9.82 5.92
CA LYS A 78 3.20 -9.59 5.59
C LYS A 78 3.76 -10.74 4.79
N LEU A 79 3.20 -11.93 4.94
CA LEU A 79 3.77 -13.11 4.32
C LEU A 79 3.23 -13.37 2.92
N TYR A 80 2.05 -12.85 2.57
CA TYR A 80 1.63 -13.01 1.18
C TYR A 80 2.23 -11.93 0.28
N THR A 81 2.19 -10.68 0.73
CA THR A 81 2.54 -9.54 -0.13
C THR A 81 4.01 -9.47 -0.48
N GLU A 82 4.86 -10.22 0.20
CA GLU A 82 6.25 -10.33 -0.20
C GLU A 82 6.47 -11.56 -1.09
N SER A 83 5.40 -12.26 -1.45
CA SER A 83 5.40 -13.46 -2.30
C SER A 83 6.28 -14.57 -1.73
N GLU A 84 6.33 -14.64 -0.40
CA GLU A 84 7.00 -15.74 0.27
C GLU A 84 6.07 -16.92 0.49
N ILE A 85 4.77 -16.71 0.36
CA ILE A 85 3.83 -17.82 0.43
C ILE A 85 3.92 -18.67 -0.83
N THR A 86 4.06 -18.04 -1.99
CA THR A 86 3.80 -18.69 -3.26
C THR A 86 5.05 -19.23 -3.90
N VAL A 87 6.20 -19.07 -3.25
CA VAL A 87 7.34 -19.94 -3.49
C VAL A 87 7.29 -21.13 -2.53
N MET A 88 6.66 -20.97 -1.38
CA MET A 88 6.43 -22.08 -0.46
C MET A 88 5.21 -22.90 -0.86
N HIS A 89 4.21 -22.24 -1.42
CA HIS A 89 3.02 -22.95 -1.91
C HIS A 89 3.32 -23.70 -3.19
N ALA A 90 4.21 -23.17 -4.03
CA ALA A 90 4.58 -23.82 -5.28
C ALA A 90 5.66 -24.86 -5.09
N CYS A 91 6.18 -25.03 -3.89
CA CYS A 91 6.85 -26.26 -3.53
C CYS A 91 5.80 -27.30 -3.12
N GLY A 92 6.26 -28.46 -2.67
CA GLY A 92 5.40 -29.61 -2.51
C GLY A 92 4.37 -29.48 -1.40
N LEU A 93 4.62 -28.63 -0.40
CA LEU A 93 3.74 -28.56 0.76
C LEU A 93 2.46 -27.82 0.43
N SER A 94 1.34 -28.35 0.89
CA SER A 94 0.03 -27.84 0.56
C SER A 94 -0.39 -26.74 1.54
N LYS A 95 -1.67 -26.39 1.53
CA LYS A 95 -2.22 -25.38 2.43
C LYS A 95 -2.22 -25.86 3.89
N ALA A 96 -2.14 -27.17 4.12
CA ALA A 96 -2.27 -27.74 5.45
C ALA A 96 -1.14 -27.34 6.39
N VAL A 97 0.00 -26.90 5.86
CA VAL A 97 1.09 -26.43 6.72
C VAL A 97 0.67 -25.16 7.46
N LEU A 98 -0.13 -24.31 6.82
CA LEU A 98 -0.63 -23.11 7.49
C LEU A 98 -1.66 -23.45 8.55
N VAL A 99 -2.50 -24.46 8.29
CA VAL A 99 -3.57 -24.79 9.23
C VAL A 99 -3.01 -25.55 10.42
N LYS A 100 -2.05 -26.45 10.18
CA LYS A 100 -1.38 -27.15 11.27
C LYS A 100 -0.58 -26.21 12.15
N ALA A 101 -0.05 -25.13 11.58
CA ALA A 101 0.69 -24.17 12.38
C ALA A 101 -0.23 -23.33 13.23
N ALA A 102 -1.44 -23.05 12.74
CA ALA A 102 -2.36 -22.16 13.46
C ALA A 102 -2.89 -22.79 14.73
N MET A 103 -2.98 -24.13 14.78
CA MET A 103 -3.45 -24.77 16.00
C MET A 103 -2.40 -24.75 17.09
N ILE A 104 -1.12 -24.86 16.70
CA ILE A 104 -0.03 -24.89 17.68
C ILE A 104 0.11 -23.55 18.38
N LEU A 105 0.03 -22.45 17.62
CA LEU A 105 0.05 -21.13 18.22
C LEU A 105 -1.24 -20.79 18.95
N ALA A 106 -2.31 -21.57 18.73
CA ALA A 106 -3.55 -21.35 19.47
C ALA A 106 -3.56 -22.05 20.82
N VAL A 107 -2.75 -23.10 20.99
CA VAL A 107 -2.63 -23.76 22.29
C VAL A 107 -1.98 -22.81 23.30
N PHE A 108 -0.98 -22.04 22.87
CA PHE A 108 -0.32 -21.07 23.74
C PHE A 108 -1.21 -19.91 24.13
N THR A 109 -2.39 -19.76 23.52
CA THR A 109 -3.39 -18.80 23.94
C THR A 109 -4.53 -19.46 24.70
N ALA A 110 -4.99 -20.64 24.23
CA ALA A 110 -6.12 -21.31 24.87
C ALA A 110 -5.77 -21.83 26.27
N ILE A 111 -4.49 -22.10 26.52
CA ILE A 111 -4.07 -22.36 27.90
C ILE A 111 -4.18 -21.09 28.73
N VAL A 112 -3.75 -19.96 28.18
CA VAL A 112 -3.81 -18.68 28.89
C VAL A 112 -5.26 -18.24 29.08
N ALA A 113 -6.09 -18.46 28.06
CA ALA A 113 -7.50 -18.13 28.21
C ALA A 113 -8.23 -19.09 29.13
N ALA A 114 -7.67 -20.26 29.41
CA ALA A 114 -8.30 -21.16 30.38
C ALA A 114 -7.89 -20.82 31.80
N VAL A 115 -6.60 -20.54 32.02
CA VAL A 115 -6.11 -20.22 33.35
C VAL A 115 -6.65 -18.87 33.82
N ASN A 116 -6.86 -17.93 32.89
CA ASN A 116 -7.46 -16.65 33.24
C ASN A 116 -8.92 -16.82 33.66
N VAL A 117 -9.67 -17.64 32.92
CA VAL A 117 -11.13 -17.65 33.09
C VAL A 117 -11.58 -18.46 34.30
N MET A 118 -10.68 -19.23 34.91
CA MET A 118 -11.05 -20.05 36.06
C MET A 118 -10.20 -19.80 37.30
N TRP A 119 -8.91 -19.49 37.17
CA TRP A 119 -8.04 -19.40 38.32
C TRP A 119 -7.62 -17.97 38.63
N ALA A 120 -7.34 -17.16 37.61
CA ALA A 120 -7.02 -15.76 37.84
C ALA A 120 -8.25 -14.86 37.84
N GLY A 121 -9.44 -15.43 37.69
CA GLY A 121 -10.68 -14.71 37.85
C GLY A 121 -11.03 -14.48 39.32
N PRO A 122 -11.26 -15.56 40.06
CA PRO A 122 -11.50 -15.42 41.51
C PRO A 122 -10.27 -14.98 42.32
N TRP A 123 -9.08 -14.87 41.72
CA TRP A 123 -7.97 -14.22 42.39
C TRP A 123 -8.20 -12.71 42.53
N SER A 124 -9.06 -12.15 41.69
CA SER A 124 -9.56 -10.77 41.82
C SER A 124 -11.01 -10.74 42.27
N SER A 125 -11.82 -11.71 41.85
CA SER A 125 -13.24 -11.72 42.18
C SER A 125 -13.52 -12.13 43.61
N ARG A 126 -12.53 -12.66 44.33
CA ARG A 126 -12.70 -13.04 45.73
C ARG A 126 -11.58 -12.57 46.65
N HIS A 127 -10.44 -12.14 46.11
CA HIS A 127 -9.38 -11.55 46.92
C HIS A 127 -9.13 -10.09 46.59
N GLN A 128 -9.91 -9.50 45.68
CA GLN A 128 -9.83 -8.08 45.39
C GLN A 128 -11.20 -7.43 45.26
N ASP A 129 -12.28 -8.21 45.09
CA ASP A 129 -13.63 -7.66 45.15
C ASP A 129 -13.96 -7.17 46.56
N GLU A 130 -13.33 -7.74 47.58
CA GLU A 130 -13.32 -7.15 48.91
C GLU A 130 -12.65 -5.79 48.85
N VAL A 131 -13.21 -4.82 49.60
CA VAL A 131 -12.93 -3.40 49.36
C VAL A 131 -11.48 -3.07 49.73
N LEU A 132 -11.12 -3.27 51.00
CA LEU A 132 -9.79 -3.00 51.57
C LEU A 132 -9.41 -1.53 51.36
N ALA A 133 -10.14 -0.66 52.05
CA ALA A 133 -9.92 0.77 51.92
C ALA A 133 -10.27 1.49 53.22
N ARG A 263 -32.76 -19.79 34.27
CA ARG A 263 -31.72 -19.74 35.30
C ARG A 263 -30.64 -18.74 34.89
N ALA A 264 -30.02 -18.07 35.86
CA ALA A 264 -29.03 -17.03 35.62
C ALA A 264 -27.64 -17.58 35.34
N GLU A 265 -27.51 -18.84 34.96
CA GLU A 265 -26.24 -19.39 34.52
C GLU A 265 -25.81 -18.72 33.21
N LEU A 266 -24.49 -18.56 33.06
CA LEU A 266 -23.95 -17.78 31.96
C LEU A 266 -23.49 -18.62 30.78
N ASN A 267 -22.83 -19.76 31.05
CA ASN A 267 -22.11 -20.69 30.15
C ASN A 267 -21.42 -20.02 28.97
N TRP A 268 -20.74 -18.91 29.27
CA TRP A 268 -20.01 -18.11 28.31
C TRP A 268 -18.52 -18.43 28.34
N ARG A 269 -18.08 -19.20 29.32
CA ARG A 269 -16.67 -19.52 29.44
C ARG A 269 -16.26 -20.67 28.53
N ILE A 270 -17.24 -21.45 28.06
CA ILE A 270 -16.91 -22.55 27.14
C ILE A 270 -16.97 -22.05 25.69
N THR A 271 -17.88 -21.15 25.37
CA THR A 271 -17.93 -20.53 24.05
C THR A 271 -16.95 -19.38 23.90
N LEU A 272 -15.97 -19.29 24.78
CA LEU A 272 -14.85 -18.38 24.65
C LEU A 272 -13.52 -19.11 24.56
N VAL A 273 -13.41 -20.29 25.17
CA VAL A 273 -12.26 -21.15 24.93
C VAL A 273 -12.36 -21.78 23.55
N PHE A 274 -13.58 -22.14 23.13
CA PHE A 274 -13.80 -22.76 21.84
C PHE A 274 -13.58 -21.78 20.68
N THR A 275 -13.65 -20.48 20.94
CA THR A 275 -13.41 -19.49 19.90
C THR A 275 -11.95 -19.49 19.46
N VAL A 276 -11.04 -19.78 20.39
CA VAL A 276 -9.61 -19.67 20.11
C VAL A 276 -9.15 -20.76 19.15
N PHE A 277 -9.68 -21.98 19.28
CA PHE A 277 -9.43 -23.04 18.31
C PHE A 277 -10.34 -22.97 17.09
N MET A 278 -10.99 -21.84 16.85
CA MET A 278 -11.97 -21.72 15.79
C MET A 278 -11.68 -20.59 14.83
N MET A 279 -11.27 -19.42 15.34
CA MET A 279 -10.96 -18.33 14.43
C MET A 279 -9.62 -18.56 13.76
N ALA A 280 -8.69 -19.21 14.45
CA ALA A 280 -7.41 -19.56 13.85
C ALA A 280 -7.58 -20.64 12.78
N LEU A 281 -8.64 -21.43 12.84
CA LEU A 281 -8.88 -22.42 11.82
C LEU A 281 -9.48 -21.81 10.55
N MET A 282 -10.10 -20.64 10.66
CA MET A 282 -10.74 -20.02 9.51
C MET A 282 -10.05 -18.77 9.00
N VAL A 283 -9.01 -18.28 9.68
CA VAL A 283 -8.37 -17.06 9.19
C VAL A 283 -7.28 -17.39 8.17
N VAL A 284 -6.67 -18.57 8.24
CA VAL A 284 -5.70 -19.02 7.24
C VAL A 284 -6.25 -19.23 5.82
N PRO A 285 -7.55 -19.44 5.56
CA PRO A 285 -8.03 -19.22 4.19
C PRO A 285 -8.49 -17.80 3.89
N LEU A 286 -8.59 -16.93 4.88
CA LEU A 286 -9.05 -15.56 4.67
C LEU A 286 -7.87 -14.62 4.83
N SER A 287 -6.74 -14.98 4.24
CA SER A 287 -5.52 -14.18 4.34
C SER A 287 -5.04 -13.70 2.98
N VAL A 288 -5.85 -13.82 1.94
CA VAL A 288 -5.44 -13.40 0.61
C VAL A 288 -5.36 -11.88 0.54
N VAL A 289 -4.52 -11.37 -0.36
CA VAL A 289 -4.19 -9.96 -0.34
C VAL A 289 -4.47 -9.29 -1.68
N ASN A 290 -4.67 -10.11 -2.75
CA ASN A 290 -4.95 -9.84 -4.16
C ASN A 290 -4.34 -8.53 -4.66
N PRO A 291 -2.98 -8.48 -4.74
CA PRO A 291 -2.22 -7.24 -4.50
C PRO A 291 -2.55 -5.98 -5.29
N ARG A 292 -3.46 -6.03 -6.26
CA ARG A 292 -3.99 -4.80 -6.82
C ARG A 292 -4.76 -4.00 -5.78
N GLN A 293 -5.45 -4.69 -4.86
CA GLN A 293 -6.05 -4.07 -3.71
C GLN A 293 -5.10 -4.16 -2.52
N GLY A 294 -5.22 -3.21 -1.61
CA GLY A 294 -4.26 -3.06 -0.54
C GLY A 294 -4.38 -4.14 0.52
N ARG A 295 -3.50 -4.03 1.53
CA ARG A 295 -3.55 -4.97 2.65
C ARG A 295 -4.74 -4.71 3.55
N VAL A 296 -5.04 -3.44 3.82
CA VAL A 296 -6.07 -3.11 4.81
C VAL A 296 -7.45 -3.45 4.28
N LEU A 297 -7.68 -3.28 2.99
CA LEU A 297 -8.94 -3.72 2.42
C LEU A 297 -9.01 -5.24 2.32
N SER A 298 -7.87 -5.92 2.24
CA SER A 298 -7.88 -7.38 2.15
C SER A 298 -8.26 -8.01 3.48
N MET A 299 -7.77 -7.45 4.59
CA MET A 299 -8.10 -7.93 5.91
C MET A 299 -9.34 -7.26 6.48
N LEU A 300 -10.13 -6.57 5.65
CA LEU A 300 -11.39 -6.03 6.13
C LEU A 300 -12.44 -7.12 6.37
N PRO A 301 -12.71 -8.11 5.44
CA PRO A 301 -13.74 -9.10 5.78
C PRO A 301 -13.34 -10.15 6.80
N ALA A 302 -12.19 -10.00 7.46
CA ALA A 302 -11.82 -10.86 8.57
C ALA A 302 -12.06 -10.19 9.90
N MET A 303 -11.58 -8.95 10.06
CA MET A 303 -11.81 -8.20 11.29
C MET A 303 -13.29 -7.87 11.46
N LEU A 304 -13.98 -7.59 10.35
CA LEU A 304 -15.40 -7.30 10.41
C LEU A 304 -16.24 -8.55 10.61
N LEU A 305 -15.72 -9.72 10.24
CA LEU A 305 -16.47 -10.95 10.48
C LEU A 305 -16.25 -11.46 11.90
N TYR A 306 -15.09 -11.18 12.49
CA TYR A 306 -14.87 -11.50 13.89
C TYR A 306 -15.73 -10.64 14.78
N LEU A 307 -15.91 -9.36 14.42
CA LEU A 307 -16.71 -8.46 15.24
C LEU A 307 -18.18 -8.86 15.24
N LEU A 308 -18.66 -9.47 14.16
CA LEU A 308 -20.04 -9.93 14.14
C LEU A 308 -20.22 -11.13 15.05
N PHE A 309 -19.25 -12.04 15.07
CA PHE A 309 -19.34 -13.22 15.92
C PHE A 309 -19.17 -12.84 17.39
N PHE A 310 -18.29 -11.89 17.68
CA PHE A 310 -17.90 -11.61 19.06
C PHE A 310 -18.78 -10.52 19.67
N LEU A 311 -19.94 -10.27 19.06
CA LEU A 311 -20.92 -9.32 19.56
C LEU A 311 -22.32 -9.90 19.61
N ILE A 312 -22.63 -10.94 18.84
CA ILE A 312 -23.79 -11.79 19.12
C ILE A 312 -23.63 -12.43 20.48
N GLN A 313 -22.41 -12.82 20.83
CA GLN A 313 -22.11 -13.54 22.06
C GLN A 313 -22.03 -12.63 23.28
N THR A 314 -22.52 -11.39 23.19
CA THR A 314 -22.87 -10.60 24.36
C THR A 314 -24.36 -10.29 24.41
N SER A 315 -24.97 -10.03 23.25
CA SER A 315 -26.41 -9.83 23.21
C SER A 315 -27.16 -11.11 23.52
N LEU A 316 -26.59 -12.26 23.16
CA LEU A 316 -27.15 -13.55 23.54
C LEU A 316 -26.63 -14.05 24.87
N LYS A 317 -25.89 -13.22 25.61
CA LYS A 317 -25.60 -13.50 27.00
C LYS A 317 -26.53 -12.73 27.93
N SER A 318 -26.87 -11.48 27.58
CA SER A 318 -27.82 -10.72 28.37
C SER A 318 -29.23 -11.25 28.24
N ASN A 319 -29.53 -11.95 27.15
CA ASN A 319 -30.85 -12.53 26.96
C ASN A 319 -30.86 -14.00 27.36
N ASP A 326 -36.03 -15.40 27.74
CA ASP A 326 -34.58 -15.44 27.69
C ASP A 326 -34.10 -16.82 27.24
N PRO A 327 -33.98 -17.03 25.92
CA PRO A 327 -33.56 -18.36 25.40
C PRO A 327 -32.04 -18.55 25.36
N THR A 328 -31.45 -18.73 26.53
CA THR A 328 -30.02 -18.98 26.64
C THR A 328 -29.72 -20.42 26.20
N LEU A 329 -28.51 -20.62 25.67
CA LEU A 329 -27.88 -21.82 25.11
C LEU A 329 -28.42 -22.12 23.71
N TRP A 330 -29.44 -21.40 23.24
CA TRP A 330 -29.83 -21.44 21.83
C TRP A 330 -28.78 -20.77 20.95
N MET A 331 -27.89 -19.97 21.54
CA MET A 331 -26.75 -19.39 20.86
C MET A 331 -25.61 -20.37 20.63
N TRP A 332 -25.76 -21.64 21.00
CA TRP A 332 -24.70 -22.60 20.75
C TRP A 332 -24.63 -22.98 19.28
N THR A 333 -25.74 -22.86 18.55
CA THR A 333 -25.71 -23.09 17.11
C THR A 333 -25.06 -21.92 16.38
N VAL A 334 -25.16 -20.71 16.94
CA VAL A 334 -24.42 -19.57 16.40
C VAL A 334 -22.91 -19.82 16.49
N ASN A 335 -22.49 -20.48 17.57
CA ASN A 335 -21.12 -20.97 17.66
C ASN A 335 -20.86 -22.09 16.64
N LEU A 336 -21.89 -22.83 16.24
CA LEU A 336 -21.68 -23.95 15.36
C LEU A 336 -21.80 -23.58 13.88
N ILE A 337 -22.52 -22.50 13.54
CA ILE A 337 -22.60 -22.08 12.15
C ILE A 337 -21.25 -21.57 11.67
N TYR A 338 -20.61 -20.70 12.45
CA TYR A 338 -19.29 -20.22 12.06
C TYR A 338 -18.18 -21.25 12.26
N LEU A 339 -18.47 -22.35 12.94
CA LEU A 339 -17.56 -23.49 12.87
C LEU A 339 -17.77 -24.26 11.57
N ALA A 340 -19.01 -24.29 11.07
CA ALA A 340 -19.26 -24.88 9.76
C ALA A 340 -18.81 -23.97 8.64
N LEU A 341 -18.83 -22.65 8.87
CA LEU A 341 -18.21 -21.73 7.93
C LEU A 341 -16.69 -21.85 8.00
N ALA A 342 -16.15 -22.23 9.15
CA ALA A 342 -14.72 -22.46 9.28
C ALA A 342 -14.26 -23.67 8.49
N ILE A 343 -15.16 -24.62 8.24
CA ILE A 343 -14.80 -25.77 7.41
C ILE A 343 -15.11 -25.51 5.95
N VAL A 344 -16.24 -24.86 5.67
CA VAL A 344 -16.64 -24.59 4.29
C VAL A 344 -15.68 -23.64 3.60
N LEU A 345 -15.26 -22.59 4.30
CA LEU A 345 -14.38 -21.62 3.66
C LEU A 345 -12.92 -22.05 3.69
N ASN A 346 -12.56 -23.06 4.48
CA ASN A 346 -11.18 -23.51 4.50
C ASN A 346 -10.84 -24.37 3.29
N LEU A 347 -11.65 -25.39 3.03
CA LEU A 347 -11.51 -26.17 1.80
C LEU A 347 -12.59 -25.72 0.83
N TRP A 348 -12.18 -24.94 -0.16
CA TRP A 348 -13.08 -24.47 -1.20
C TRP A 348 -12.38 -24.49 -2.56
N ASP A 349 -11.15 -24.98 -2.62
CA ASP A 349 -10.43 -25.16 -3.87
C ASP A 349 -9.96 -26.58 -4.11
N THR A 350 -9.93 -27.43 -3.09
CA THR A 350 -9.53 -28.82 -3.28
C THR A 350 -10.64 -29.62 -3.96
N VAL A 351 -11.89 -29.20 -3.76
CA VAL A 351 -13.06 -29.96 -4.16
C VAL A 351 -13.39 -29.66 -5.62
N PRO A 352 -13.96 -30.60 -6.38
CA PRO A 352 -14.53 -30.24 -7.69
C PRO A 352 -15.84 -29.47 -7.59
N VAL A 353 -16.49 -29.26 -8.72
CA VAL A 353 -17.78 -28.59 -8.75
C VAL A 353 -18.86 -29.51 -8.20
N VAL B 6 -8.25 27.00 -13.74
CA VAL B 6 -7.39 27.29 -12.60
C VAL B 6 -7.24 26.01 -11.80
N LEU B 7 -6.00 25.69 -11.41
CA LEU B 7 -5.76 24.50 -10.61
C LEU B 7 -5.78 24.78 -9.12
N ASP B 8 -5.96 26.04 -8.72
CA ASP B 8 -6.37 26.31 -7.34
C ASP B 8 -7.85 26.06 -7.14
N ARG B 9 -8.62 26.02 -8.23
CA ARG B 9 -10.00 25.55 -8.21
C ARG B 9 -10.08 24.06 -8.51
N TYR B 10 -8.98 23.33 -8.30
CA TYR B 10 -8.88 21.90 -8.53
C TYR B 10 -8.59 21.12 -7.26
N ILE B 11 -7.58 21.55 -6.50
CA ILE B 11 -7.33 20.94 -5.20
C ILE B 11 -8.49 21.25 -4.26
N GLY B 12 -9.00 22.48 -4.34
CA GLY B 12 -10.16 22.84 -3.53
C GLY B 12 -11.42 22.10 -3.94
N LYS B 13 -11.57 21.81 -5.24
CA LYS B 13 -12.70 21.00 -5.66
C LYS B 13 -12.52 19.55 -5.25
N THR B 14 -11.28 19.05 -5.24
CA THR B 14 -11.02 17.66 -4.87
C THR B 14 -11.27 17.42 -3.38
N ILE B 15 -10.84 18.36 -2.54
CA ILE B 15 -11.12 18.25 -1.11
C ILE B 15 -12.61 18.36 -0.84
N PHE B 16 -13.27 19.32 -1.48
CA PHE B 16 -14.71 19.49 -1.30
C PHE B 16 -15.52 18.37 -1.97
N THR B 17 -14.92 17.61 -2.88
CA THR B 17 -15.59 16.42 -3.40
C THR B 17 -15.67 15.34 -2.33
N THR B 18 -14.59 15.12 -1.60
CA THR B 18 -14.60 14.05 -0.61
C THR B 18 -15.17 14.50 0.73
N ILE B 19 -14.98 15.76 1.12
CA ILE B 19 -15.39 16.21 2.46
C ILE B 19 -16.92 16.25 2.59
N MET B 20 -17.65 16.22 1.48
CA MET B 20 -19.06 15.87 1.52
C MET B 20 -19.25 14.35 1.43
N MET B 21 -18.45 13.69 0.59
CA MET B 21 -18.63 12.27 0.36
C MET B 21 -18.18 11.44 1.56
N THR B 22 -17.12 11.86 2.24
CA THR B 22 -16.74 11.16 3.47
C THR B 22 -17.58 11.58 4.65
N LEU B 23 -18.45 12.57 4.48
CA LEU B 23 -19.36 12.99 5.54
C LEU B 23 -20.70 12.29 5.41
N PHE B 24 -21.27 12.29 4.20
CA PHE B 24 -22.59 11.72 3.97
C PHE B 24 -22.59 10.21 4.15
N MET B 25 -21.48 9.56 3.82
CA MET B 25 -21.36 8.14 4.11
C MET B 25 -21.25 7.90 5.61
N LEU B 26 -20.58 8.79 6.32
CA LEU B 26 -20.21 8.53 7.70
C LEU B 26 -21.24 9.04 8.70
N VAL B 27 -21.95 10.12 8.39
CA VAL B 27 -23.07 10.53 9.24
C VAL B 27 -24.21 9.52 9.13
N SER B 28 -24.53 9.09 7.91
CA SER B 28 -25.59 8.10 7.72
C SER B 28 -25.19 6.72 8.20
N LEU B 29 -23.90 6.46 8.36
CA LEU B 29 -23.46 5.28 9.11
C LEU B 29 -23.87 5.40 10.56
N SER B 30 -23.68 6.57 11.16
CA SER B 30 -24.16 6.82 12.50
C SER B 30 -25.64 7.16 12.55
N GLY B 31 -26.29 7.29 11.39
CA GLY B 31 -27.72 7.50 11.37
C GLY B 31 -28.46 6.19 11.46
N ILE B 32 -27.96 5.18 10.76
CA ILE B 32 -28.60 3.87 10.76
C ILE B 32 -28.30 3.09 12.04
N ILE B 33 -27.32 3.52 12.83
CA ILE B 33 -27.08 2.91 14.12
C ILE B 33 -28.03 3.45 15.18
N LYS B 34 -28.77 4.51 14.86
CA LYS B 34 -29.76 5.06 15.77
C LYS B 34 -31.13 4.41 15.60
N PHE B 35 -31.17 3.16 15.12
CA PHE B 35 -32.34 2.30 15.32
C PHE B 35 -32.11 1.47 16.58
N VAL B 36 -31.91 2.20 17.67
CA VAL B 36 -31.78 1.66 19.02
C VAL B 36 -32.97 2.02 19.89
N ASP B 37 -33.68 3.13 19.60
CA ASP B 37 -34.81 3.56 20.42
C ASP B 37 -35.97 2.58 20.37
N GLN B 38 -36.14 1.87 19.25
CA GLN B 38 -37.11 0.79 19.22
C GLN B 38 -36.53 -0.50 19.77
N LEU B 39 -35.21 -0.70 19.62
CA LEU B 39 -34.44 -1.83 20.15
C LEU B 39 -35.00 -3.19 19.72
N GLY B 51 -42.57 2.55 15.27
CA GLY B 51 -41.78 2.25 14.08
C GLY B 51 -41.84 3.35 13.05
N ALA B 52 -42.88 4.18 13.13
CA ALA B 52 -43.04 5.32 12.24
C ALA B 52 -42.29 6.55 12.72
N GLY B 53 -41.54 6.44 13.81
CA GLY B 53 -40.80 7.55 14.34
C GLY B 53 -39.52 7.85 13.57
N MET B 54 -39.47 9.01 12.93
CA MET B 54 -38.27 9.46 12.23
C MET B 54 -37.38 10.31 13.16
N TYR B 55 -37.09 9.74 14.32
CA TYR B 55 -36.24 10.41 15.30
C TYR B 55 -34.81 10.54 14.80
N THR B 56 -34.33 9.58 14.01
CA THR B 56 -32.98 9.69 13.48
C THR B 56 -32.94 10.55 12.23
N LEU B 57 -34.05 10.65 11.49
CA LEU B 57 -34.12 11.59 10.38
C LEU B 57 -34.20 13.04 10.85
N LEU B 58 -34.54 13.26 12.11
CA LEU B 58 -34.76 14.58 12.66
C LEU B 58 -33.56 15.10 13.44
N SER B 59 -32.67 14.21 13.88
CA SER B 59 -31.50 14.60 14.66
C SER B 59 -30.20 14.32 13.89
N VAL B 60 -30.26 14.39 12.57
CA VAL B 60 -29.08 14.31 11.71
C VAL B 60 -28.05 15.40 12.03
N PRO B 61 -28.33 16.70 12.01
CA PRO B 61 -27.23 17.66 12.19
C PRO B 61 -26.76 17.81 13.62
N LYS B 62 -27.36 17.11 14.58
CA LYS B 62 -26.84 17.14 15.95
C LYS B 62 -25.53 16.38 16.05
N ASP B 63 -25.35 15.33 15.25
CA ASP B 63 -24.07 14.64 15.20
C ASP B 63 -23.03 15.48 14.48
N VAL B 64 -23.45 16.19 13.43
CA VAL B 64 -22.56 16.97 12.58
C VAL B 64 -21.93 18.15 13.32
N GLN B 65 -22.42 18.48 14.52
CA GLN B 65 -21.65 19.33 15.42
C GLN B 65 -20.34 18.65 15.83
N ILE B 66 -20.38 17.36 16.14
CA ILE B 66 -19.23 16.68 16.73
C ILE B 66 -18.70 15.53 15.88
N PHE B 67 -19.47 14.99 14.95
CA PHE B 67 -19.06 13.81 14.19
C PHE B 67 -18.41 14.21 12.87
N PHE B 68 -18.30 15.50 12.63
CA PHE B 68 -17.69 16.20 11.50
C PHE B 68 -16.17 16.38 11.56
N PRO B 69 -15.53 16.83 12.66
CA PRO B 69 -14.08 17.11 12.56
C PRO B 69 -13.21 15.87 12.45
N MET B 70 -13.67 14.70 12.90
CA MET B 70 -12.92 13.49 12.65
C MET B 70 -13.09 13.01 11.22
N ALA B 71 -14.12 13.50 10.52
CA ALA B 71 -14.24 13.35 9.08
C ALA B 71 -13.60 14.50 8.33
N ALA B 72 -13.22 15.58 9.02
CA ALA B 72 -12.46 16.64 8.38
C ALA B 72 -10.99 16.28 8.22
N LEU B 73 -10.54 15.18 8.81
CA LEU B 73 -9.21 14.64 8.54
C LEU B 73 -9.30 13.46 7.58
N LEU B 74 -10.05 12.43 7.96
CA LEU B 74 -10.33 11.31 7.08
C LEU B 74 -11.24 11.79 5.96
N GLY B 75 -10.65 12.17 4.84
CA GLY B 75 -11.41 12.80 3.78
C GLY B 75 -10.68 14.00 3.22
N ALA B 76 -10.01 14.74 4.09
CA ALA B 76 -9.01 15.69 3.63
C ALA B 76 -7.65 15.03 3.48
N LEU B 77 -7.52 13.78 3.90
CA LEU B 77 -6.33 12.98 3.69
C LEU B 77 -6.61 11.73 2.88
N LEU B 78 -7.83 11.21 2.93
CA LEU B 78 -8.28 10.21 1.97
C LEU B 78 -8.23 10.77 0.56
N GLY B 79 -8.98 11.85 0.33
CA GLY B 79 -9.09 12.40 -1.02
C GLY B 79 -7.83 13.09 -1.51
N LEU B 80 -7.04 13.64 -0.60
CA LEU B 80 -5.77 14.22 -0.99
C LEU B 80 -4.71 13.16 -1.18
N GLY B 81 -4.93 11.95 -0.66
CA GLY B 81 -4.03 10.85 -0.92
C GLY B 81 -4.06 10.41 -2.37
N MET B 82 -5.27 10.25 -2.94
CA MET B 82 -5.41 9.90 -4.36
C MET B 82 -5.15 11.09 -5.29
N LEU B 83 -4.80 12.24 -4.71
CA LEU B 83 -4.23 13.35 -5.41
C LEU B 83 -2.70 13.33 -5.30
N ALA B 84 -2.15 12.53 -4.39
CA ALA B 84 -0.71 12.58 -4.14
C ALA B 84 0.02 11.31 -4.53
N GLN B 85 -0.57 10.14 -4.30
CA GLN B 85 0.11 8.91 -4.65
C GLN B 85 -0.25 8.41 -6.05
N ARG B 86 -0.97 9.22 -6.82
CA ARG B 86 -1.02 9.06 -8.27
C ARG B 86 0.13 9.79 -8.95
N SER B 87 1.14 10.21 -8.19
CA SER B 87 2.31 10.98 -8.64
C SER B 87 1.88 12.26 -9.33
N GLU B 88 1.17 13.09 -8.60
CA GLU B 88 0.64 14.34 -9.11
C GLU B 88 1.04 15.53 -8.26
N LEU B 89 1.11 15.37 -6.94
CA LEU B 89 1.52 16.45 -6.05
C LEU B 89 2.98 16.83 -6.26
N VAL B 90 3.80 15.91 -6.78
CA VAL B 90 5.20 16.19 -7.05
C VAL B 90 5.38 16.69 -8.48
N VAL B 91 4.28 17.03 -9.14
CA VAL B 91 4.33 17.72 -10.43
C VAL B 91 4.01 19.19 -10.28
N MET B 92 2.95 19.50 -9.53
CA MET B 92 2.68 20.88 -9.11
C MET B 92 3.82 21.43 -8.26
N GLN B 93 4.47 20.56 -7.50
CA GLN B 93 5.71 20.89 -6.82
C GLN B 93 6.78 21.35 -7.81
N ALA B 94 6.95 20.61 -8.89
CA ALA B 94 8.00 20.88 -9.88
C ALA B 94 7.51 21.73 -11.03
N SER B 95 6.46 22.51 -10.85
CA SER B 95 5.99 23.38 -11.91
C SER B 95 5.63 24.77 -11.41
N GLY B 96 6.35 25.27 -10.40
CA GLY B 96 6.29 26.66 -10.02
C GLY B 96 5.76 26.93 -8.64
N PHE B 97 4.93 26.05 -8.09
CA PHE B 97 4.29 26.32 -6.80
C PHE B 97 5.29 26.23 -5.66
N THR B 98 4.95 26.89 -4.56
CA THR B 98 5.64 26.67 -3.31
C THR B 98 4.88 25.64 -2.48
N ARG B 99 5.49 25.22 -1.38
CA ARG B 99 4.78 24.40 -0.42
C ARG B 99 3.74 25.21 0.34
N MET B 100 3.91 26.53 0.41
CA MET B 100 2.94 27.38 1.06
C MET B 100 1.73 27.65 0.17
N GLN B 101 1.93 27.71 -1.14
CA GLN B 101 0.84 28.05 -2.05
C GLN B 101 -0.19 26.92 -2.12
N VAL B 102 0.24 25.67 -1.95
CA VAL B 102 -0.72 24.58 -1.86
C VAL B 102 -1.36 24.55 -0.47
N ALA B 103 -0.67 25.08 0.55
CA ALA B 103 -1.28 25.18 1.86
C ALA B 103 -2.31 26.28 1.90
N LEU B 104 -2.16 27.31 1.06
CA LEU B 104 -3.14 28.37 0.99
C LEU B 104 -4.42 27.91 0.28
N SER B 105 -4.33 26.87 -0.54
CA SER B 105 -5.48 26.45 -1.33
C SER B 105 -6.49 25.66 -0.51
N VAL B 106 -6.05 24.87 0.47
CA VAL B 106 -7.03 24.20 1.32
C VAL B 106 -7.68 25.19 2.26
N MET B 107 -6.99 26.26 2.62
CA MET B 107 -7.59 27.31 3.41
C MET B 107 -8.46 28.23 2.57
N LYS B 108 -8.25 28.25 1.26
CA LYS B 108 -9.20 28.88 0.35
C LYS B 108 -10.52 28.11 0.30
N THR B 109 -10.48 26.81 0.60
CA THR B 109 -11.71 26.00 0.66
C THR B 109 -11.97 25.46 2.05
N ALA B 110 -11.32 26.02 3.07
CA ALA B 110 -11.76 25.79 4.44
C ALA B 110 -12.80 26.80 4.88
N ILE B 111 -12.72 28.04 4.40
CA ILE B 111 -13.68 29.08 4.72
C ILE B 111 -15.10 28.88 4.17
N PRO B 112 -15.39 28.08 3.13
CA PRO B 112 -16.77 27.63 2.96
C PRO B 112 -17.16 26.44 3.80
N LEU B 113 -16.32 26.01 4.72
CA LEU B 113 -16.62 24.85 5.53
C LEU B 113 -16.70 25.17 7.01
N VAL B 114 -15.79 26.00 7.53
CA VAL B 114 -15.88 26.49 8.90
C VAL B 114 -17.12 27.36 9.08
N LEU B 115 -17.54 28.07 8.03
CA LEU B 115 -18.79 28.81 8.10
C LEU B 115 -19.99 27.87 8.01
N LEU B 116 -19.81 26.70 7.39
CA LEU B 116 -20.94 25.79 7.25
C LEU B 116 -21.22 25.04 8.55
N THR B 117 -20.18 24.76 9.32
CA THR B 117 -20.39 24.21 10.66
C THR B 117 -20.63 25.29 11.71
N MET B 118 -20.36 26.56 11.37
CA MET B 118 -20.80 27.65 12.22
C MET B 118 -22.31 27.85 12.11
N ALA B 119 -22.89 27.51 10.96
CA ALA B 119 -24.31 27.74 10.74
C ALA B 119 -25.16 26.76 11.54
N ILE B 120 -24.72 25.51 11.66
CA ILE B 120 -25.49 24.53 12.42
C ILE B 120 -25.34 24.70 13.92
N GLY B 121 -24.40 25.52 14.38
CA GLY B 121 -24.29 25.80 15.79
C GLY B 121 -25.29 26.81 16.31
N GLU B 122 -25.85 27.63 15.41
CA GLU B 122 -26.83 28.64 15.80
C GLU B 122 -28.18 28.41 15.16
N TRP B 123 -28.24 28.20 13.85
CA TRP B 123 -29.50 28.19 13.12
C TRP B 123 -30.13 26.80 13.06
N VAL B 124 -29.42 25.82 12.51
CA VAL B 124 -30.07 24.61 12.00
C VAL B 124 -30.27 23.58 13.10
N ALA B 125 -29.18 23.13 13.72
CA ALA B 125 -29.22 21.85 14.44
C ALA B 125 -29.95 21.93 15.79
N PRO B 126 -29.71 22.91 16.69
CA PRO B 126 -30.50 22.91 17.93
C PRO B 126 -31.94 23.38 17.74
N GLN B 127 -32.30 23.93 16.58
CA GLN B 127 -33.70 24.20 16.28
C GLN B 127 -34.48 22.90 16.19
N GLY B 128 -33.94 21.92 15.45
CA GLY B 128 -34.56 20.61 15.40
C GLY B 128 -34.33 19.81 16.67
N GLU B 129 -33.18 20.00 17.32
CA GLU B 129 -32.88 19.30 18.56
C GLU B 129 -33.75 19.79 19.71
N GLN B 130 -34.24 21.03 19.63
CA GLN B 130 -35.27 21.50 20.55
C GLN B 130 -36.53 20.63 20.46
N MET B 131 -37.00 20.37 19.25
CA MET B 131 -38.14 19.53 19.01
C MET B 131 -37.76 18.07 18.75
N ALA B 132 -36.55 17.67 19.14
CA ALA B 132 -36.17 16.27 19.00
C ALA B 132 -36.89 15.40 20.02
N ARG B 133 -36.71 15.71 21.30
CA ARG B 133 -37.42 14.97 22.35
C ARG B 133 -38.91 15.28 22.35
N ASN B 134 -39.32 16.42 21.79
CA ASN B 134 -40.73 16.77 21.74
C ASN B 134 -41.47 15.97 20.67
N TYR B 135 -40.78 15.62 19.58
CA TYR B 135 -41.44 14.87 18.52
C TYR B 135 -41.68 13.42 18.89
N ARG B 136 -40.81 12.85 19.73
CA ARG B 136 -40.99 11.47 20.18
C ARG B 136 -41.81 11.40 21.47
N ALA B 137 -42.94 12.10 21.48
CA ALA B 137 -43.90 12.02 22.57
C ALA B 137 -44.84 10.86 22.28
N GLN B 138 -44.75 9.80 23.11
CA GLN B 138 -45.52 8.57 23.01
C GLN B 138 -45.39 7.89 21.65
N PRO B 246 -25.14 18.70 26.47
CA PRO B 246 -24.85 19.36 27.75
C PRO B 246 -25.66 20.63 27.94
N ASP B 247 -26.99 20.50 27.81
CA ASP B 247 -27.94 21.62 27.77
C ASP B 247 -27.52 22.64 26.72
N ALA B 248 -27.23 22.13 25.52
CA ALA B 248 -26.75 22.96 24.43
C ALA B 248 -27.91 23.72 23.80
N LEU B 249 -27.78 25.04 23.71
CA LEU B 249 -28.80 25.88 23.10
C LEU B 249 -28.31 26.53 21.81
N SER B 250 -27.24 27.31 21.87
CA SER B 250 -26.70 28.01 20.71
C SER B 250 -25.31 28.51 21.06
N ILE B 251 -24.77 29.38 20.22
CA ILE B 251 -23.67 30.25 20.63
C ILE B 251 -24.20 31.57 21.17
N SER B 252 -25.22 32.12 20.52
CA SER B 252 -25.74 33.44 20.90
C SER B 252 -26.50 33.39 22.22
N GLY B 253 -27.46 32.48 22.34
CA GLY B 253 -28.24 32.40 23.57
C GLY B 253 -27.45 31.87 24.75
N LEU B 254 -26.45 31.02 24.49
CA LEU B 254 -25.60 30.54 25.57
C LEU B 254 -24.63 31.63 26.03
N HIS B 255 -24.35 32.60 25.17
CA HIS B 255 -23.57 33.76 25.59
C HIS B 255 -24.40 34.59 26.57
N ASN B 256 -23.79 34.88 27.72
CA ASN B 256 -24.45 35.52 28.88
C ASN B 256 -25.65 34.70 29.35
N TYR B 257 -25.50 33.38 29.34
CA TYR B 257 -26.41 32.47 30.02
C TYR B 257 -25.81 31.94 31.31
N VAL B 258 -24.49 32.06 31.48
CA VAL B 258 -23.75 31.39 32.53
C VAL B 258 -23.23 32.47 33.48
N LYS B 259 -24.02 33.53 33.62
CA LYS B 259 -23.62 34.71 34.40
C LYS B 259 -23.50 34.43 35.90
N TYR B 260 -24.10 33.35 36.39
CA TYR B 260 -23.84 32.88 37.75
C TYR B 260 -23.59 31.37 37.77
N ALA B 268 -18.73 30.72 37.77
CA ALA B 268 -18.85 29.98 36.52
C ALA B 268 -19.30 28.54 36.79
N GLY B 269 -18.86 27.62 35.94
CA GLY B 269 -19.21 26.22 36.11
C GLY B 269 -18.87 25.43 34.86
N ARG B 270 -19.48 24.24 34.78
CA ARG B 270 -19.28 23.37 33.63
C ARG B 270 -19.89 23.98 32.37
N TYR B 271 -20.98 24.75 32.51
CA TYR B 271 -21.57 25.41 31.37
C TYR B 271 -20.71 26.53 30.82
N GLN B 272 -19.80 27.08 31.63
CA GLN B 272 -18.85 28.05 31.10
C GLN B 272 -17.82 27.38 30.21
N LEU B 273 -17.49 26.12 30.50
CA LEU B 273 -16.56 25.38 29.66
C LEU B 273 -17.18 25.04 28.33
N ASN B 274 -18.37 24.42 28.35
CA ASN B 274 -19.06 24.09 27.12
C ASN B 274 -19.64 25.31 26.40
N MET B 275 -19.68 26.46 27.06
CA MET B 275 -19.71 27.72 26.33
C MET B 275 -18.46 27.86 25.49
N TRP B 276 -17.30 27.94 26.15
CA TRP B 276 -16.03 28.24 25.51
C TRP B 276 -15.54 27.12 24.61
N SER B 277 -16.07 25.90 24.81
CA SER B 277 -15.80 24.82 23.86
C SER B 277 -16.52 25.05 22.54
N LYS B 278 -17.66 25.73 22.57
CA LYS B 278 -18.52 25.79 21.39
C LYS B 278 -18.28 27.04 20.55
N ILE B 279 -17.50 28.01 21.03
CA ILE B 279 -17.11 29.13 20.18
C ILE B 279 -16.20 28.67 19.06
N PHE B 280 -15.13 27.97 19.41
CA PHE B 280 -14.12 27.60 18.42
C PHE B 280 -13.98 26.09 18.27
N GLN B 281 -15.04 25.35 18.58
CA GLN B 281 -15.21 24.04 17.97
C GLN B 281 -15.23 24.09 16.43
N PRO B 282 -15.81 25.09 15.75
CA PRO B 282 -15.59 25.17 14.29
C PRO B 282 -14.17 25.55 13.90
N LEU B 283 -13.37 26.14 14.79
CA LEU B 283 -11.98 26.42 14.46
C LEU B 283 -11.17 25.14 14.26
N SER B 284 -11.55 24.07 14.96
CA SER B 284 -10.84 22.79 14.87
C SER B 284 -10.91 22.18 13.48
N VAL B 285 -11.92 22.53 12.66
CA VAL B 285 -11.97 22.03 11.30
C VAL B 285 -10.90 22.68 10.45
N ALA B 286 -10.58 23.95 10.70
CA ALA B 286 -9.50 24.60 9.97
C ALA B 286 -8.14 24.10 10.44
N VAL B 287 -8.03 23.69 11.71
CA VAL B 287 -6.80 23.08 12.19
C VAL B 287 -6.67 21.68 11.62
N MET B 288 -7.79 21.00 11.40
CA MET B 288 -7.79 19.61 10.98
C MET B 288 -7.24 19.45 9.58
N MET B 289 -7.65 20.32 8.65
CA MET B 289 -7.08 20.29 7.31
C MET B 289 -5.66 20.83 7.27
N LEU B 290 -5.19 21.46 8.33
CA LEU B 290 -3.77 21.74 8.45
C LEU B 290 -3.02 20.59 9.12
N MET B 291 -3.73 19.75 9.89
CA MET B 291 -3.13 18.50 10.35
C MET B 291 -3.04 17.48 9.23
N ALA B 292 -4.09 17.39 8.40
CA ALA B 292 -4.09 16.44 7.29
C ALA B 292 -3.02 16.79 6.27
N LEU B 293 -2.80 18.08 6.04
CA LEU B 293 -1.75 18.48 5.13
C LEU B 293 -0.38 18.47 5.79
N SER B 294 -0.31 18.31 7.10
CA SER B 294 0.98 18.35 7.78
C SER B 294 1.79 17.09 7.49
N PHE B 295 1.27 15.92 7.86
CA PHE B 295 2.00 14.68 7.60
C PHE B 295 1.60 14.01 6.31
N ILE B 296 1.18 14.79 5.31
CA ILE B 296 1.20 14.33 3.93
C ILE B 296 2.44 14.82 3.20
N PHE B 297 3.16 15.78 3.77
CA PHE B 297 4.46 16.20 3.25
C PHE B 297 5.62 15.63 4.03
N GLY B 298 5.39 15.13 5.24
CA GLY B 298 6.47 14.67 6.07
C GLY B 298 6.64 13.16 6.03
N PRO B 299 6.19 12.49 7.09
CA PRO B 299 6.46 11.04 7.19
C PRO B 299 5.62 10.20 6.26
N LEU B 300 4.33 10.51 6.13
CA LEU B 300 3.37 9.63 5.47
C LEU B 300 3.13 10.15 4.05
N ARG B 301 4.04 9.81 3.15
CA ARG B 301 3.76 10.05 1.74
C ARG B 301 4.05 8.85 0.85
N SER B 302 5.09 8.08 1.14
CA SER B 302 5.45 6.91 0.34
C SER B 302 4.91 5.63 0.96
N VAL B 303 3.59 5.61 1.15
CA VAL B 303 2.91 4.48 1.80
C VAL B 303 1.64 4.17 1.02
N PRO B 304 1.19 2.91 1.07
CA PRO B 304 -0.04 2.54 0.37
C PRO B 304 -1.27 3.19 0.96
N MET B 305 -2.37 3.06 0.22
CA MET B 305 -3.60 3.81 0.51
C MET B 305 -4.31 3.29 1.76
N GLY B 306 -4.00 2.07 2.19
CA GLY B 306 -4.70 1.51 3.33
C GLY B 306 -4.32 2.17 4.65
N VAL B 307 -3.03 2.48 4.82
CA VAL B 307 -2.58 3.07 6.08
C VAL B 307 -2.93 4.55 6.16
N ARG B 308 -3.30 5.18 5.04
CA ARG B 308 -3.79 6.56 5.11
C ARG B 308 -5.18 6.65 5.71
N VAL B 309 -5.92 5.55 5.79
CA VAL B 309 -7.21 5.56 6.47
C VAL B 309 -7.05 5.21 7.93
N VAL B 310 -6.16 4.27 8.27
CA VAL B 310 -5.97 3.87 9.65
C VAL B 310 -5.29 4.98 10.45
N THR B 311 -4.23 5.57 9.91
CA THR B 311 -3.67 6.78 10.49
C THR B 311 -4.65 7.94 10.34
N GLY B 312 -5.42 7.94 9.26
CA GLY B 312 -6.46 8.92 9.09
C GLY B 312 -7.67 8.75 9.98
N ILE B 313 -7.77 7.64 10.70
CA ILE B 313 -8.85 7.45 11.67
C ILE B 313 -8.33 7.36 13.10
N SER B 314 -7.07 6.97 13.32
CA SER B 314 -6.56 6.89 14.68
C SER B 314 -6.24 8.26 15.24
N PHE B 315 -5.94 9.24 14.38
CA PHE B 315 -5.89 10.63 14.81
C PHE B 315 -7.26 11.28 14.75
N GLY B 316 -8.29 10.55 14.34
CA GLY B 316 -9.65 11.03 14.37
C GLY B 316 -10.43 10.41 15.51
N PHE B 317 -10.11 9.15 15.82
CA PHE B 317 -10.69 8.50 16.99
C PHE B 317 -10.19 9.11 18.29
N VAL B 318 -8.98 9.68 18.28
CA VAL B 318 -8.37 10.17 19.51
C VAL B 318 -8.99 11.46 19.99
N PHE B 319 -9.84 12.12 19.19
CA PHE B 319 -10.60 13.26 19.68
C PHE B 319 -11.72 12.86 20.62
N TYR B 320 -12.21 11.62 20.56
CA TYR B 320 -13.15 11.15 21.57
C TYR B 320 -12.49 11.07 22.94
N VAL B 321 -11.25 10.60 22.98
CA VAL B 321 -10.57 10.32 24.25
C VAL B 321 -9.80 11.57 24.68
N LEU B 322 -10.02 12.68 23.99
CA LEU B 322 -9.34 13.92 24.34
C LEU B 322 -10.30 15.03 24.73
N ASP B 323 -11.42 15.19 24.02
CA ASP B 323 -12.42 16.16 24.44
C ASP B 323 -13.20 15.68 25.66
N GLN B 324 -13.24 14.38 25.91
CA GLN B 324 -14.05 13.84 26.99
C GLN B 324 -13.24 13.56 28.25
N ILE B 325 -12.00 14.06 28.33
CA ILE B 325 -11.25 14.05 29.57
C ILE B 325 -10.80 15.46 29.97
N PHE B 326 -10.29 16.24 29.02
CA PHE B 326 -9.72 17.53 29.38
C PHE B 326 -10.77 18.61 29.56
N GLY B 327 -12.03 18.27 29.36
CA GLY B 327 -13.13 19.01 29.94
C GLY B 327 -13.20 18.81 31.44
N PRO B 328 -13.44 17.57 31.87
CA PRO B 328 -13.44 17.30 33.32
C PRO B 328 -12.07 17.36 34.00
N LEU B 329 -10.96 17.35 33.25
CA LEU B 329 -9.67 17.64 33.89
C LEU B 329 -9.60 19.08 34.37
N THR B 330 -9.88 20.03 33.48
CA THR B 330 -9.77 21.44 33.83
C THR B 330 -10.89 21.86 34.77
N LEU B 331 -12.05 21.20 34.68
CA LEU B 331 -13.16 21.51 35.59
C LEU B 331 -12.83 21.09 37.01
N VAL B 332 -12.11 19.99 37.18
CA VAL B 332 -11.73 19.53 38.51
C VAL B 332 -10.42 20.19 38.93
N TYR B 333 -9.36 19.94 38.17
CA TYR B 333 -8.01 20.31 38.60
C TYR B 333 -7.53 21.64 38.02
N GLY B 334 -7.99 22.02 36.84
CA GLY B 334 -7.39 23.15 36.15
C GLY B 334 -7.81 24.51 36.67
N ILE B 335 -6.92 25.15 37.41
CA ILE B 335 -7.10 26.52 37.89
C ILE B 335 -7.16 27.59 36.80
N PRO B 336 -6.73 27.38 35.54
CA PRO B 336 -7.30 28.19 34.44
C PRO B 336 -8.53 27.53 33.84
N PRO B 337 -9.73 27.72 34.42
CA PRO B 337 -10.89 26.91 34.02
C PRO B 337 -11.48 27.28 32.68
N ILE B 338 -10.96 28.30 32.00
CA ILE B 338 -11.56 28.78 30.76
C ILE B 338 -11.00 28.07 29.54
N ILE B 339 -9.69 27.79 29.49
CA ILE B 339 -9.06 27.34 28.25
C ILE B 339 -8.80 25.84 28.28
N GLY B 340 -9.62 25.11 29.05
CA GLY B 340 -9.51 23.66 29.07
C GLY B 340 -9.93 23.00 27.79
N ALA B 341 -10.73 23.68 26.97
CA ALA B 341 -11.16 23.15 25.68
C ALA B 341 -10.27 23.59 24.53
N LEU B 342 -9.46 24.64 24.71
CA LEU B 342 -8.51 25.05 23.70
C LEU B 342 -7.40 24.04 23.51
N LEU B 343 -7.04 23.29 24.55
CA LEU B 343 -5.92 22.36 24.56
C LEU B 343 -6.06 21.16 23.60
N PRO B 344 -7.24 20.54 23.40
CA PRO B 344 -7.31 19.53 22.33
C PRO B 344 -7.10 20.07 20.94
N SER B 345 -7.56 21.29 20.65
CA SER B 345 -7.26 21.92 19.37
C SER B 345 -5.94 22.69 19.41
N ALA B 346 -5.16 22.56 20.47
CA ALA B 346 -3.82 23.10 20.53
C ALA B 346 -2.74 22.04 20.38
N SER B 347 -2.99 20.84 20.90
CA SER B 347 -2.00 19.77 20.77
C SER B 347 -1.93 19.24 19.35
N PHE B 348 -2.98 19.43 18.55
CA PHE B 348 -2.92 19.13 17.13
C PHE B 348 -2.53 20.35 16.31
N PHE B 349 -1.84 21.30 16.92
CA PHE B 349 -1.16 22.37 16.19
C PHE B 349 0.33 22.38 16.47
N LEU B 350 0.76 21.95 17.65
CA LEU B 350 2.18 21.73 17.91
C LEU B 350 2.73 20.59 17.06
N ILE B 351 1.92 19.55 16.85
CA ILE B 351 2.34 18.44 16.00
C ILE B 351 2.48 18.91 14.56
N SER B 352 1.56 19.77 14.10
CA SER B 352 1.62 20.23 12.72
C SER B 352 2.75 21.22 12.49
N LEU B 353 3.15 21.98 13.50
CA LEU B 353 4.29 22.86 13.30
C LEU B 353 5.62 22.14 13.46
N TRP B 354 5.62 20.93 14.04
CA TRP B 354 6.85 20.18 14.12
C TRP B 354 7.14 19.44 12.82
N LEU B 355 6.11 18.96 12.14
CA LEU B 355 6.31 18.10 10.99
C LEU B 355 6.79 18.86 9.76
N LEU B 356 6.37 20.11 9.60
CA LEU B 356 6.75 20.89 8.42
C LEU B 356 7.79 21.97 8.75
N MET B 357 8.44 21.90 9.92
CA MET B 357 9.52 22.83 10.23
C MET B 357 10.73 22.14 10.86
N ARG B 358 10.88 20.83 10.70
CA ARG B 358 12.03 20.16 11.29
C ARG B 358 12.79 19.28 10.31
N LYS B 359 12.10 18.64 9.37
CA LYS B 359 12.76 17.66 8.51
C LYS B 359 13.63 18.34 7.46
N SER B 360 13.07 19.32 6.75
CA SER B 360 13.84 20.04 5.73
C SER B 360 14.69 21.13 6.38
N ALA C 12 23.08 29.31 -19.24
CA ALA C 12 22.95 28.30 -20.28
C ALA C 12 23.76 27.05 -19.95
N THR C 13 24.10 26.89 -18.68
CA THR C 13 24.96 25.80 -18.22
C THR C 13 24.76 25.59 -16.73
N LEU C 14 24.41 24.38 -16.31
CA LEU C 14 24.45 24.07 -14.89
C LEU C 14 25.67 23.22 -14.57
N THR C 15 26.01 23.18 -13.29
CA THR C 15 27.08 22.33 -12.78
C THR C 15 26.78 22.04 -11.32
N ALA C 16 26.78 20.77 -10.95
CA ALA C 16 26.58 20.36 -9.56
C ALA C 16 27.84 19.66 -9.08
N LYS C 17 28.66 20.38 -8.31
CA LYS C 17 29.97 19.89 -7.90
C LYS C 17 29.89 19.24 -6.54
N ASN C 18 30.56 18.09 -6.40
CA ASN C 18 30.90 17.47 -5.11
C ASN C 18 29.65 17.04 -4.34
N LEU C 19 28.77 16.32 -5.01
CA LEU C 19 27.52 15.88 -4.41
C LEU C 19 27.74 14.68 -3.49
N ALA C 20 27.29 14.82 -2.25
CA ALA C 20 27.45 13.75 -1.26
C ALA C 20 26.16 13.62 -0.45
N LYS C 21 25.87 12.40 -0.02
CA LYS C 21 24.62 12.13 0.67
C LYS C 21 24.76 10.85 1.49
N ALA C 22 24.18 10.85 2.69
CA ALA C 22 24.23 9.69 3.58
C ALA C 22 22.83 9.38 4.10
N TYR C 23 22.54 8.09 4.30
CA TYR C 23 21.26 7.63 4.84
C TYR C 23 21.49 7.07 6.24
N LYS C 24 21.27 7.92 7.25
CA LYS C 24 21.40 7.59 8.67
C LYS C 24 22.79 7.07 9.01
N GLY C 25 23.80 7.84 8.62
CA GLY C 25 25.18 7.43 8.85
C GLY C 25 25.66 6.33 7.94
N ARG C 26 25.26 6.35 6.67
CA ARG C 26 25.69 5.34 5.72
C ARG C 26 25.72 5.99 4.34
N ARG C 27 26.90 6.03 3.74
CA ARG C 27 27.15 6.80 2.52
C ARG C 27 26.71 5.98 1.31
N VAL C 28 25.88 6.58 0.46
CA VAL C 28 25.49 5.93 -0.80
C VAL C 28 25.97 6.76 -1.98
N VAL C 29 26.11 8.07 -1.79
CA VAL C 29 26.60 8.99 -2.82
C VAL C 29 27.61 9.92 -2.14
N GLU C 30 28.78 10.08 -2.76
CA GLU C 30 29.85 10.83 -2.12
C GLU C 30 30.75 11.43 -3.18
N ASP C 31 30.75 12.78 -3.27
CA ASP C 31 31.65 13.58 -4.11
C ASP C 31 31.49 13.22 -5.59
N VAL C 32 30.30 13.54 -6.10
CA VAL C 32 29.94 13.32 -7.50
C VAL C 32 29.79 14.67 -8.17
N SER C 33 30.29 14.79 -9.41
CA SER C 33 30.23 16.04 -10.15
C SER C 33 29.92 15.77 -11.61
N LEU C 34 29.21 16.70 -12.23
CA LEU C 34 28.83 16.58 -13.64
C LEU C 34 28.59 17.97 -14.22
N THR C 35 28.87 18.10 -15.52
CA THR C 35 28.71 19.36 -16.24
C THR C 35 27.86 19.10 -17.48
N VAL C 36 26.74 19.81 -17.59
CA VAL C 36 25.95 19.79 -18.82
C VAL C 36 25.89 21.21 -19.37
N ASN C 37 25.61 21.31 -20.65
CA ASN C 37 25.48 22.60 -21.33
C ASN C 37 24.08 22.70 -21.93
N SER C 38 23.86 23.74 -22.73
CA SER C 38 22.61 23.91 -23.44
C SER C 38 22.67 23.26 -24.81
N GLY C 39 21.72 22.36 -25.06
CA GLY C 39 21.67 21.67 -26.33
C GLY C 39 22.30 20.30 -26.37
N GLU C 40 22.40 19.61 -25.24
CA GLU C 40 22.97 18.28 -25.18
C GLU C 40 22.07 17.34 -24.41
N ILE C 41 22.18 16.05 -24.72
CA ILE C 41 21.56 14.99 -23.95
C ILE C 41 22.66 14.24 -23.22
N VAL C 42 22.57 14.17 -21.90
CA VAL C 42 23.59 13.58 -21.06
C VAL C 42 22.97 12.44 -20.27
N GLY C 43 23.51 11.24 -20.47
CA GLY C 43 23.04 10.10 -19.70
C GLY C 43 23.67 10.06 -18.33
N LEU C 44 23.08 9.22 -17.47
CA LEU C 44 23.62 8.99 -16.13
C LEU C 44 23.18 7.60 -15.71
N LEU C 45 24.12 6.65 -15.76
CA LEU C 45 23.81 5.24 -15.68
C LEU C 45 24.47 4.64 -14.44
N GLY C 46 24.42 3.31 -14.34
CA GLY C 46 25.13 2.61 -13.30
C GLY C 46 24.42 1.37 -12.82
N PRO C 47 24.91 0.78 -11.74
CA PRO C 47 24.19 -0.33 -11.10
C PRO C 47 23.11 0.18 -10.16
N ASN C 48 22.11 -0.67 -9.94
CA ASN C 48 20.98 -0.32 -9.12
C ASN C 48 21.38 -0.22 -7.65
N GLY C 49 20.76 0.72 -6.95
CA GLY C 49 20.98 0.91 -5.53
C GLY C 49 22.39 1.34 -5.18
N ALA C 50 23.06 2.07 -6.07
CA ALA C 50 24.44 2.45 -5.85
C ALA C 50 24.75 3.90 -6.18
N GLY C 51 23.76 4.69 -6.60
CA GLY C 51 24.01 6.09 -6.88
C GLY C 51 23.42 6.59 -8.17
N LYS C 52 22.57 5.79 -8.81
CA LYS C 52 21.81 6.27 -9.95
C LYS C 52 20.78 7.30 -9.52
N THR C 53 19.85 6.90 -8.66
CA THR C 53 18.73 7.75 -8.29
C THR C 53 19.14 8.80 -7.26
N THR C 54 19.93 8.40 -6.27
CA THR C 54 20.24 9.28 -5.15
C THR C 54 21.13 10.44 -5.56
N THR C 55 21.95 10.26 -6.59
CA THR C 55 22.58 11.42 -7.22
C THR C 55 21.55 12.23 -8.00
N PHE C 56 20.68 11.55 -8.74
CA PHE C 56 19.77 12.27 -9.64
C PHE C 56 18.66 12.98 -8.89
N TYR C 57 18.07 12.33 -7.89
CA TYR C 57 17.01 12.99 -7.12
C TYR C 57 17.53 14.12 -6.24
N MET C 58 18.84 14.21 -6.02
CA MET C 58 19.40 15.31 -5.27
C MET C 58 19.77 16.49 -6.17
N VAL C 59 19.93 16.25 -7.46
CA VAL C 59 20.03 17.37 -8.41
C VAL C 59 18.70 18.08 -8.51
N VAL C 60 17.61 17.32 -8.63
CA VAL C 60 16.27 17.91 -8.69
C VAL C 60 15.90 18.52 -7.35
N GLY C 61 15.94 17.74 -6.29
CA GLY C 61 15.73 18.30 -4.97
C GLY C 61 14.65 17.62 -4.17
N ILE C 62 14.26 16.41 -4.59
CA ILE C 62 13.35 15.61 -3.77
C ILE C 62 14.03 15.22 -2.47
N VAL C 63 15.32 14.89 -2.54
CA VAL C 63 16.12 14.69 -1.33
C VAL C 63 17.07 15.87 -1.19
N PRO C 64 17.29 16.38 0.01
CA PRO C 64 18.21 17.51 0.19
C PRO C 64 19.65 17.05 0.23
N ARG C 65 20.54 17.99 -0.07
CA ARG C 65 21.96 17.69 -0.13
C ARG C 65 22.55 17.52 1.27
N ASP C 66 23.79 17.08 1.31
CA ASP C 66 24.60 17.15 2.52
C ASP C 66 25.86 17.97 2.34
N ALA C 67 26.30 18.21 1.12
CA ALA C 67 27.48 19.02 0.83
C ALA C 67 27.38 19.51 -0.60
N GLY C 68 28.48 20.07 -1.11
CA GLY C 68 28.56 20.45 -2.50
C GLY C 68 27.75 21.69 -2.83
N ASN C 69 27.69 21.98 -4.13
CA ASN C 69 26.97 23.14 -4.61
C ASN C 69 26.39 22.89 -6.00
N ILE C 70 25.07 23.05 -6.12
CA ILE C 70 24.37 22.94 -7.39
C ILE C 70 24.23 24.34 -7.95
N ILE C 71 24.91 24.60 -9.07
CA ILE C 71 25.06 25.95 -9.59
C ILE C 71 24.45 25.98 -10.98
N ILE C 72 23.54 26.93 -11.22
CA ILE C 72 22.98 27.20 -12.53
C ILE C 72 23.22 28.67 -12.86
N ASP C 73 24.18 28.91 -13.76
CA ASP C 73 24.61 30.24 -14.22
C ASP C 73 25.02 31.12 -13.04
N ASP C 74 26.07 30.67 -12.34
CA ASP C 74 26.72 31.38 -11.23
C ASP C 74 25.77 31.65 -10.06
N ASP C 75 24.72 30.84 -9.94
CA ASP C 75 23.68 31.02 -8.93
C ASP C 75 23.52 29.71 -8.19
N ASP C 76 24.11 29.61 -7.00
CA ASP C 76 24.04 28.40 -6.21
C ASP C 76 22.64 28.25 -5.63
N ILE C 77 21.95 27.20 -6.01
CA ILE C 77 20.57 26.98 -5.60
C ILE C 77 20.46 25.85 -4.57
N SER C 78 21.55 25.58 -3.84
CA SER C 78 21.65 24.35 -3.06
C SER C 78 20.76 24.37 -1.82
N LEU C 79 20.66 25.51 -1.14
CA LEU C 79 19.72 25.63 -0.03
C LEU C 79 18.28 25.67 -0.51
N LEU C 80 18.06 25.94 -1.79
CA LEU C 80 16.73 26.22 -2.31
C LEU C 80 16.11 24.94 -2.85
N PRO C 81 14.98 24.48 -2.30
CA PRO C 81 14.38 23.22 -2.75
C PRO C 81 13.68 23.32 -4.10
N LEU C 82 12.95 22.26 -4.48
CA LEU C 82 12.29 22.19 -5.77
C LEU C 82 11.20 23.25 -5.95
N HIS C 83 10.64 23.77 -4.87
CA HIS C 83 9.50 24.70 -4.95
C HIS C 83 9.86 26.07 -5.52
N ALA C 84 11.12 26.33 -5.90
CA ALA C 84 11.42 27.51 -6.71
C ALA C 84 12.47 27.20 -7.78
N ARG C 85 12.86 25.94 -7.97
CA ARG C 85 13.78 25.62 -9.06
C ARG C 85 13.07 25.59 -10.40
N ALA C 86 11.79 25.22 -10.42
CA ALA C 86 11.03 25.30 -11.66
C ALA C 86 10.80 26.75 -12.06
N ARG C 87 10.70 27.64 -11.08
CA ARG C 87 10.69 29.06 -11.35
C ARG C 87 12.08 29.55 -11.74
N ARG C 88 13.12 28.82 -11.35
CA ARG C 88 14.49 29.14 -11.70
C ARG C 88 14.88 28.55 -13.05
N GLY C 89 14.25 27.45 -13.46
CA GLY C 89 14.55 26.89 -14.77
C GLY C 89 14.94 25.43 -14.84
N ILE C 90 14.51 24.63 -13.87
CA ILE C 90 14.73 23.18 -13.89
C ILE C 90 13.38 22.49 -14.00
N GLY C 91 13.17 21.78 -15.10
CA GLY C 91 11.97 20.99 -15.26
C GLY C 91 12.15 19.57 -14.75
N TYR C 92 11.02 18.88 -14.60
CA TYR C 92 11.01 17.54 -14.04
C TYR C 92 9.68 16.89 -14.40
N LEU C 93 9.72 15.56 -14.57
CA LEU C 93 8.49 14.81 -14.77
C LEU C 93 8.70 13.39 -14.30
N PRO C 94 7.69 12.77 -13.68
CA PRO C 94 7.93 11.51 -12.97
C PRO C 94 8.10 10.29 -13.85
N GLN C 95 8.18 9.13 -13.20
CA GLN C 95 8.38 7.86 -13.87
C GLN C 95 7.09 7.27 -14.42
N GLU C 96 5.96 7.52 -13.76
CA GLU C 96 4.68 6.92 -14.10
C GLU C 96 3.70 8.01 -14.53
N ALA C 97 2.43 7.62 -14.64
CA ALA C 97 1.37 8.52 -15.11
C ALA C 97 1.22 9.72 -14.19
N SER C 98 1.39 10.91 -14.76
CA SER C 98 1.33 12.14 -13.99
C SER C 98 0.45 13.19 -14.66
N ILE C 99 -0.49 12.77 -15.49
CA ILE C 99 -1.55 13.67 -15.93
C ILE C 99 -2.50 13.87 -14.75
N PHE C 100 -3.09 15.07 -14.66
CA PHE C 100 -3.89 15.43 -13.49
C PHE C 100 -5.18 14.60 -13.36
N ARG C 101 -5.60 13.93 -14.43
CA ARG C 101 -6.57 12.81 -14.50
C ARG C 101 -7.93 13.12 -13.85
N ARG C 102 -8.25 14.38 -13.60
CA ARG C 102 -9.60 14.81 -13.31
C ARG C 102 -9.99 16.04 -14.12
N LEU C 103 -9.05 16.62 -14.86
CA LEU C 103 -9.18 17.94 -15.43
C LEU C 103 -9.12 17.83 -16.96
N SER C 104 -9.64 18.85 -17.63
CA SER C 104 -9.58 18.90 -19.09
C SER C 104 -8.14 19.14 -19.54
N VAL C 105 -7.83 18.66 -20.75
CA VAL C 105 -6.47 18.69 -21.27
C VAL C 105 -6.02 20.12 -21.52
N TYR C 106 -6.89 20.94 -22.12
CA TYR C 106 -6.59 22.35 -22.34
C TYR C 106 -6.44 23.09 -21.02
N ASP C 107 -7.22 22.71 -20.01
CA ASP C 107 -7.03 23.28 -18.69
C ASP C 107 -5.77 22.73 -18.04
N ASN C 108 -5.44 21.47 -18.32
CA ASN C 108 -4.19 20.89 -17.81
C ASN C 108 -2.98 21.50 -18.48
N LEU C 109 -3.13 21.94 -19.73
CA LEU C 109 -1.97 22.46 -20.45
C LEU C 109 -1.60 23.86 -20.00
N MET C 110 -2.59 24.69 -19.70
CA MET C 110 -2.34 26.02 -19.16
C MET C 110 -2.37 26.05 -17.63
N ALA C 111 -2.29 24.88 -16.99
CA ALA C 111 -2.24 24.84 -15.54
C ALA C 111 -0.93 25.41 -15.02
N VAL C 112 0.17 25.11 -15.69
CA VAL C 112 1.45 25.69 -15.29
C VAL C 112 1.56 27.13 -15.78
N LEU C 113 0.86 27.46 -16.88
CA LEU C 113 0.92 28.79 -17.47
C LEU C 113 0.30 29.87 -16.59
N GLN C 114 -0.49 29.49 -15.58
CA GLN C 114 -1.04 30.51 -14.71
C GLN C 114 0.00 31.04 -13.75
N ILE C 115 0.89 30.20 -13.26
CA ILE C 115 2.04 30.68 -12.48
C ILE C 115 3.16 30.95 -13.49
N ARG C 116 3.01 32.04 -14.21
CA ARG C 116 3.98 32.58 -15.16
C ARG C 116 3.95 34.10 -15.08
N ASP C 117 4.03 34.63 -13.86
CA ASP C 117 3.61 35.99 -13.51
C ASP C 117 4.31 37.15 -14.22
N ASP C 118 5.29 36.86 -15.08
CA ASP C 118 5.84 37.85 -15.99
C ASP C 118 5.09 37.91 -17.33
N LEU C 119 3.90 37.32 -17.42
CA LEU C 119 3.15 37.27 -18.66
C LEU C 119 1.77 37.87 -18.47
N SER C 120 1.13 38.20 -19.58
CA SER C 120 -0.18 38.85 -19.58
C SER C 120 -1.28 37.84 -19.87
N ALA C 121 -2.53 38.32 -19.84
CA ALA C 121 -3.68 37.44 -19.94
C ALA C 121 -3.94 36.99 -21.38
N GLU C 122 -3.68 37.84 -22.37
CA GLU C 122 -3.84 37.41 -23.75
C GLU C 122 -2.72 36.48 -24.19
N GLN C 123 -1.61 36.45 -23.45
CA GLN C 123 -0.54 35.49 -23.70
C GLN C 123 -0.81 34.15 -23.05
N ARG C 124 -1.82 34.05 -22.18
CA ARG C 124 -2.25 32.76 -21.66
C ARG C 124 -2.99 31.93 -22.69
N GLU C 125 -3.40 32.55 -23.80
CA GLU C 125 -3.83 31.81 -24.98
C GLU C 125 -2.68 31.61 -25.97
N ASP C 126 -1.67 32.49 -25.95
CA ASP C 126 -0.57 32.41 -26.92
C ASP C 126 0.28 31.18 -26.67
N ARG C 127 0.89 31.06 -25.49
CA ARG C 127 1.70 29.88 -25.22
C ARG C 127 0.85 28.64 -24.95
N ALA C 128 -0.46 28.78 -24.81
CA ALA C 128 -1.33 27.62 -24.84
C ALA C 128 -1.49 27.09 -26.25
N ASN C 129 -1.91 27.96 -27.18
CA ASN C 129 -2.30 27.50 -28.50
C ASN C 129 -1.10 27.24 -29.40
N GLU C 130 0.02 27.91 -29.17
CA GLU C 130 1.25 27.58 -29.90
C GLU C 130 1.75 26.19 -29.49
N LEU C 131 1.75 25.92 -28.21
CA LEU C 131 2.32 24.67 -27.70
C LEU C 131 1.35 23.50 -27.85
N MET C 132 0.06 23.77 -27.99
CA MET C 132 -0.90 22.69 -28.19
C MET C 132 -0.77 22.09 -29.58
N GLU C 133 -0.70 22.94 -30.61
CA GLU C 133 -0.56 22.45 -31.97
C GLU C 133 0.88 22.15 -32.36
N GLU C 134 1.82 22.29 -31.42
CA GLU C 134 3.21 21.97 -31.72
C GLU C 134 3.46 20.47 -31.72
N PHE C 135 2.86 19.75 -30.78
CA PHE C 135 3.05 18.31 -30.67
C PHE C 135 2.00 17.51 -31.42
N HIS C 136 1.23 18.16 -32.30
CA HIS C 136 0.17 17.54 -33.11
C HIS C 136 -0.87 16.82 -32.25
N ILE C 137 -1.32 17.49 -31.19
CA ILE C 137 -2.32 16.93 -30.31
C ILE C 137 -3.46 17.93 -30.09
N GLU C 138 -3.65 18.83 -31.05
CA GLU C 138 -4.61 19.92 -30.88
C GLU C 138 -6.05 19.50 -31.13
N HIS C 139 -6.31 18.25 -31.48
CA HIS C 139 -7.66 17.78 -31.73
C HIS C 139 -8.36 17.31 -30.47
N LEU C 140 -7.78 17.56 -29.30
CA LEU C 140 -8.30 17.07 -28.02
C LEU C 140 -8.34 18.19 -27.00
N ARG C 141 -8.96 19.31 -27.36
CA ARG C 141 -9.05 20.44 -26.44
C ARG C 141 -9.92 20.10 -25.23
N ASP C 142 -11.01 19.38 -25.45
CA ASP C 142 -11.85 18.91 -24.33
C ASP C 142 -11.67 17.40 -24.25
N SER C 143 -10.95 16.95 -23.24
CA SER C 143 -10.77 15.52 -22.98
C SER C 143 -10.47 15.31 -21.51
N MET C 144 -11.09 14.31 -20.91
CA MET C 144 -10.78 13.94 -19.54
C MET C 144 -9.37 13.37 -19.45
N GLY C 145 -8.87 13.30 -18.22
CA GLY C 145 -7.49 12.89 -18.03
C GLY C 145 -7.28 11.39 -18.22
N GLN C 146 -8.25 10.59 -17.80
CA GLN C 146 -8.15 9.14 -17.99
C GLN C 146 -8.80 8.69 -19.31
N SER C 147 -8.43 9.36 -20.39
CA SER C 147 -8.91 9.01 -21.72
C SER C 147 -7.77 9.07 -22.72
N LEU C 148 -6.61 8.57 -22.33
CA LEU C 148 -5.44 8.55 -23.19
C LEU C 148 -4.79 7.18 -23.13
N SER C 149 -3.78 6.97 -23.98
CA SER C 149 -3.05 5.73 -24.05
C SER C 149 -1.57 5.99 -23.79
N GLY C 150 -0.80 4.90 -23.70
CA GLY C 150 0.60 4.99 -23.28
C GLY C 150 1.50 5.70 -24.26
N GLY C 151 1.19 5.63 -25.55
CA GLY C 151 1.88 6.43 -26.55
C GLY C 151 1.26 7.79 -26.78
N GLU C 152 0.27 8.14 -25.96
CA GLU C 152 -0.44 9.41 -26.08
C GLU C 152 -0.44 10.19 -24.78
N ARG C 153 -0.38 9.50 -23.63
CA ARG C 153 -0.21 10.14 -22.34
C ARG C 153 1.13 10.86 -22.24
N ARG C 154 2.18 10.25 -22.79
CA ARG C 154 3.53 10.78 -22.69
C ARG C 154 3.69 12.07 -23.47
N ARG C 155 2.95 12.23 -24.57
CA ARG C 155 3.11 13.41 -25.40
C ARG C 155 2.47 14.63 -24.77
N VAL C 156 1.41 14.46 -23.97
CA VAL C 156 0.85 15.58 -23.23
C VAL C 156 1.71 15.88 -22.00
N GLU C 157 2.29 14.85 -21.40
CA GLU C 157 3.10 15.01 -20.19
C GLU C 157 4.39 15.77 -20.46
N ILE C 158 4.96 15.61 -21.66
CA ILE C 158 6.07 16.46 -22.07
C ILE C 158 5.59 17.90 -22.24
N ALA C 159 4.38 18.07 -22.79
CA ALA C 159 3.84 19.39 -23.08
C ALA C 159 3.56 20.19 -21.82
N ARG C 160 3.28 19.51 -20.70
CA ARG C 160 3.24 20.18 -19.41
C ARG C 160 4.60 20.11 -18.73
N ALA C 161 5.66 20.38 -19.48
CA ALA C 161 6.95 20.72 -18.93
C ALA C 161 7.65 21.81 -19.70
N LEU C 162 7.34 21.99 -20.98
CA LEU C 162 7.83 23.14 -21.73
C LEU C 162 7.09 24.40 -21.32
N ALA C 163 5.87 24.25 -20.80
CA ALA C 163 5.04 25.40 -20.43
C ALA C 163 5.58 26.13 -19.21
N ALA C 164 6.39 25.49 -18.39
CA ALA C 164 7.02 26.20 -17.27
C ALA C 164 8.17 27.09 -17.71
N ASN C 165 8.52 27.09 -19.00
CA ASN C 165 9.68 27.70 -19.62
C ASN C 165 10.97 27.34 -18.86
N PRO C 166 11.45 26.10 -18.91
CA PRO C 166 12.68 25.79 -18.21
C PRO C 166 13.90 25.93 -19.12
N LYS C 167 15.06 25.96 -18.48
CA LYS C 167 16.30 25.90 -19.24
C LYS C 167 16.73 24.46 -19.46
N PHE C 168 16.74 23.65 -18.40
CA PHE C 168 17.26 22.29 -18.44
C PHE C 168 16.22 21.35 -17.85
N ILE C 169 15.62 20.53 -18.68
CA ILE C 169 14.64 19.56 -18.24
C ILE C 169 15.36 18.28 -17.84
N LEU C 170 14.84 17.58 -16.85
CA LEU C 170 15.47 16.38 -16.31
C LEU C 170 14.46 15.24 -16.31
N LEU C 171 14.52 14.39 -17.33
CA LEU C 171 13.63 13.24 -17.40
C LEU C 171 14.08 12.17 -16.42
N ASP C 172 13.25 11.14 -16.27
CA ASP C 172 13.57 10.07 -15.33
C ASP C 172 12.99 8.78 -15.91
N GLU C 173 13.84 8.00 -16.61
CA GLU C 173 13.59 6.75 -17.31
C GLU C 173 12.27 6.73 -18.08
N PRO C 174 12.20 7.42 -19.23
CA PRO C 174 10.94 7.44 -20.00
C PRO C 174 10.57 6.09 -20.59
N PHE C 175 11.46 5.46 -21.32
CA PHE C 175 11.22 4.11 -21.84
C PHE C 175 11.47 3.11 -20.71
N ALA C 176 10.42 2.85 -19.95
CA ALA C 176 10.46 2.05 -18.72
C ALA C 176 9.33 1.04 -18.72
N GLY C 177 9.21 0.27 -19.78
CA GLY C 177 8.07 -0.62 -19.90
C GLY C 177 7.30 -0.47 -21.18
N VAL C 178 7.97 -0.06 -22.25
CA VAL C 178 7.39 -0.06 -23.58
C VAL C 178 8.15 -1.05 -24.44
N ASP C 179 7.44 -1.58 -25.45
CA ASP C 179 8.04 -2.51 -26.39
C ASP C 179 9.05 -1.79 -27.30
N PRO C 180 10.12 -2.48 -27.72
CA PRO C 180 11.24 -1.78 -28.38
C PRO C 180 10.96 -1.29 -29.79
N ILE C 181 9.78 -1.51 -30.34
CA ILE C 181 9.47 -1.02 -31.68
C ILE C 181 8.56 0.20 -31.47
N SER C 182 8.55 0.71 -30.25
CA SER C 182 7.90 1.96 -29.92
C SER C 182 8.84 3.01 -29.33
N VAL C 183 10.08 2.65 -29.01
CA VAL C 183 11.04 3.64 -28.53
C VAL C 183 11.61 4.50 -29.63
N ILE C 184 11.32 4.18 -30.90
CA ILE C 184 11.79 4.99 -32.00
C ILE C 184 11.01 6.31 -32.09
N ASP C 185 9.82 6.38 -31.50
CA ASP C 185 9.04 7.60 -31.50
C ASP C 185 9.29 8.46 -30.28
N ILE C 186 9.69 7.86 -29.16
CA ILE C 186 10.14 8.65 -28.01
C ILE C 186 11.41 9.41 -28.35
N LYS C 187 12.33 8.75 -29.07
CA LYS C 187 13.58 9.38 -29.49
C LYS C 187 13.35 10.55 -30.45
N ARG C 188 12.20 10.61 -31.11
CA ARG C 188 11.83 11.81 -31.85
C ARG C 188 11.53 12.96 -30.89
N ILE C 189 10.83 12.66 -29.79
CA ILE C 189 10.50 13.69 -28.81
C ILE C 189 11.75 14.15 -28.07
N ILE C 190 12.69 13.23 -27.84
CA ILE C 190 13.92 13.60 -27.15
C ILE C 190 14.78 14.49 -28.04
N GLU C 191 14.85 14.17 -29.33
CA GLU C 191 15.59 15.00 -30.27
C GLU C 191 14.91 16.35 -30.48
N HIS C 192 13.57 16.38 -30.42
CA HIS C 192 12.85 17.63 -30.58
C HIS C 192 13.10 18.58 -29.42
N LEU C 193 13.18 18.05 -28.19
CA LEU C 193 13.63 18.86 -27.08
C LEU C 193 15.11 19.17 -27.17
N ARG C 194 15.90 18.29 -27.77
CA ARG C 194 17.30 18.57 -28.03
C ARG C 194 17.47 19.60 -29.14
N ASP C 195 16.46 19.76 -29.99
CA ASP C 195 16.56 20.68 -31.12
C ASP C 195 16.51 22.13 -30.69
N SER C 196 15.73 22.46 -29.67
CA SER C 196 15.55 23.83 -29.23
C SER C 196 16.63 24.28 -28.26
N GLY C 197 17.59 23.43 -27.94
CA GLY C 197 18.73 23.83 -27.13
C GLY C 197 18.60 23.56 -25.65
N LEU C 198 17.47 23.06 -25.18
CA LEU C 198 17.28 22.77 -23.76
C LEU C 198 17.86 21.40 -23.44
N GLY C 199 18.72 21.34 -22.42
CA GLY C 199 19.46 20.12 -22.13
C GLY C 199 18.61 19.11 -21.38
N VAL C 200 18.80 17.84 -21.71
CA VAL C 200 17.99 16.73 -21.20
C VAL C 200 18.91 15.74 -20.52
N LEU C 201 18.78 15.60 -19.21
CA LEU C 201 19.58 14.65 -18.45
C LEU C 201 18.69 13.48 -18.05
N ILE C 202 19.04 12.27 -18.50
CA ILE C 202 18.20 11.09 -18.26
C ILE C 202 18.99 10.05 -17.49
N THR C 203 18.26 9.23 -16.74
CA THR C 203 18.79 8.08 -16.01
C THR C 203 17.90 6.90 -16.31
N ASP C 204 18.48 5.77 -16.72
CA ASP C 204 17.66 4.59 -16.96
C ASP C 204 18.50 3.34 -16.77
N HIS C 205 17.81 2.22 -16.55
CA HIS C 205 18.45 0.95 -16.22
C HIS C 205 18.88 0.15 -17.45
N ASN C 206 18.10 0.17 -18.53
CA ASN C 206 18.52 -0.56 -19.72
C ASN C 206 19.64 0.18 -20.45
N VAL C 207 20.88 -0.19 -20.12
CA VAL C 207 22.05 0.54 -20.58
C VAL C 207 22.20 0.45 -22.09
N ARG C 208 21.96 -0.74 -22.65
CA ARG C 208 22.24 -0.95 -24.07
C ARG C 208 21.15 -0.40 -24.99
N GLU C 209 20.30 0.49 -24.50
CA GLU C 209 19.28 1.17 -25.29
C GLU C 209 19.47 2.67 -25.34
N THR C 210 19.84 3.29 -24.22
CA THR C 210 20.02 4.74 -24.15
C THR C 210 21.36 5.21 -24.67
N LEU C 211 22.29 4.30 -24.99
CA LEU C 211 23.56 4.72 -25.57
C LEU C 211 23.42 5.11 -27.03
N ALA C 212 22.30 4.76 -27.68
CA ALA C 212 22.09 5.20 -29.06
C ALA C 212 21.75 6.69 -29.13
N VAL C 213 21.17 7.26 -28.08
CA VAL C 213 20.89 8.69 -28.03
C VAL C 213 21.37 9.23 -26.68
N CYS C 214 22.58 9.76 -26.67
CA CYS C 214 23.27 10.37 -25.53
C CYS C 214 24.55 11.00 -26.07
N GLU C 215 25.12 11.93 -25.31
CA GLU C 215 26.31 12.63 -25.78
C GLU C 215 27.44 12.72 -24.76
N ARG C 216 27.19 12.59 -23.46
CA ARG C 216 28.28 12.55 -22.50
C ARG C 216 28.29 11.27 -21.68
N ALA C 217 27.16 10.88 -21.09
CA ALA C 217 26.92 9.59 -20.45
C ALA C 217 27.89 9.34 -19.28
N TYR C 218 27.71 10.12 -18.23
CA TYR C 218 28.37 9.84 -16.95
C TYR C 218 27.92 8.48 -16.42
N ILE C 219 28.84 7.78 -15.76
CA ILE C 219 28.54 6.49 -15.14
C ILE C 219 29.09 6.50 -13.72
N VAL C 220 28.23 6.25 -12.75
CA VAL C 220 28.64 6.16 -11.35
C VAL C 220 28.47 4.72 -10.88
N SER C 221 29.12 4.41 -9.76
CA SER C 221 28.98 3.15 -9.05
C SER C 221 29.52 3.34 -7.64
N GLN C 222 28.75 2.87 -6.65
CA GLN C 222 29.08 2.91 -5.22
C GLN C 222 29.30 4.35 -4.74
N GLY C 223 28.63 5.31 -5.36
CA GLY C 223 28.85 6.70 -5.03
C GLY C 223 30.19 7.25 -5.46
N HIS C 224 30.71 6.78 -6.59
CA HIS C 224 31.96 7.27 -7.14
C HIS C 224 31.80 7.52 -8.63
N LEU C 225 32.38 8.62 -9.10
CA LEU C 225 32.57 8.79 -10.55
C LEU C 225 33.60 7.80 -11.03
N ILE C 226 33.29 7.08 -12.10
CA ILE C 226 34.19 6.06 -12.58
C ILE C 226 34.71 6.44 -13.96
N ALA C 227 33.79 6.57 -14.92
CA ALA C 227 34.16 6.87 -16.28
C ALA C 227 33.15 7.85 -16.87
N HIS C 228 33.62 8.68 -17.78
CA HIS C 228 32.80 9.68 -18.43
C HIS C 228 33.45 10.05 -19.75
N GLY C 229 32.96 11.13 -20.36
CA GLY C 229 33.47 11.52 -21.66
C GLY C 229 32.45 11.37 -22.78
N THR C 230 32.65 10.37 -23.63
CA THR C 230 31.85 10.11 -24.81
C THR C 230 31.59 8.61 -24.89
N PRO C 231 30.53 8.18 -25.59
CA PRO C 231 30.25 6.73 -25.67
C PRO C 231 31.29 5.92 -26.40
N THR C 232 31.93 6.49 -27.43
CA THR C 232 32.95 5.75 -28.15
C THR C 232 34.24 5.61 -27.34
N GLU C 233 34.53 6.61 -26.50
CA GLU C 233 35.72 6.58 -25.65
C GLU C 233 35.44 6.03 -24.26
N ILE C 234 34.36 5.28 -24.07
CA ILE C 234 34.05 4.70 -22.77
C ILE C 234 33.99 3.18 -22.81
N LEU C 235 33.94 2.56 -23.98
CA LEU C 235 33.94 1.10 -24.08
C LEU C 235 35.36 0.52 -24.13
N GLN C 236 36.23 0.96 -23.22
CA GLN C 236 37.59 0.45 -23.17
C GLN C 236 38.10 0.13 -21.78
N ASP C 237 37.54 0.70 -20.71
CA ASP C 237 38.19 0.67 -19.41
C ASP C 237 37.98 -0.66 -18.69
N GLU C 238 38.97 -1.04 -17.88
CA GLU C 238 38.86 -2.28 -17.11
C GLU C 238 37.94 -2.08 -15.92
N HIS C 239 37.88 -0.87 -15.38
CA HIS C 239 37.07 -0.63 -14.19
C HIS C 239 35.59 -0.56 -14.53
N VAL C 240 35.26 -0.27 -15.79
CA VAL C 240 33.87 -0.24 -16.23
C VAL C 240 33.54 -1.61 -16.80
N LYS C 241 34.54 -2.49 -16.78
CA LYS C 241 34.46 -3.91 -17.18
C LYS C 241 34.01 -4.06 -18.63
N ALA D 12 8.21 -36.71 -20.86
CA ALA D 12 8.36 -35.47 -20.13
C ALA D 12 8.20 -34.29 -21.08
N THR D 13 6.96 -33.84 -21.26
CA THR D 13 6.63 -32.80 -22.25
C THR D 13 5.32 -32.14 -21.87
N LEU D 14 5.36 -30.85 -21.56
CA LEU D 14 4.12 -30.08 -21.45
C LEU D 14 3.50 -29.92 -22.82
N THR D 15 2.17 -29.95 -22.86
CA THR D 15 1.43 -29.70 -24.10
C THR D 15 0.20 -28.89 -23.74
N ALA D 16 0.33 -27.56 -23.82
CA ALA D 16 -0.83 -26.70 -23.71
C ALA D 16 -1.59 -26.71 -25.04
N LYS D 17 -2.91 -26.69 -24.96
CA LYS D 17 -3.75 -26.69 -26.16
C LYS D 17 -4.95 -25.79 -25.94
N ASN D 18 -5.07 -24.74 -26.76
CA ASN D 18 -6.29 -23.94 -26.94
C ASN D 18 -6.72 -23.26 -25.64
N LEU D 19 -5.86 -22.40 -25.13
CA LEU D 19 -6.09 -21.72 -23.86
C LEU D 19 -6.90 -20.45 -24.08
N ALA D 20 -7.64 -20.05 -23.06
CA ALA D 20 -8.54 -18.90 -23.16
C ALA D 20 -8.78 -18.31 -21.79
N LYS D 21 -9.26 -17.06 -21.79
CA LYS D 21 -9.52 -16.31 -20.58
C LYS D 21 -10.45 -15.15 -20.91
N ALA D 22 -11.45 -14.92 -20.08
CA ALA D 22 -12.38 -13.83 -20.30
C ALA D 22 -12.92 -13.32 -18.98
N TYR D 23 -13.12 -12.01 -18.91
CA TYR D 23 -13.68 -11.38 -17.72
C TYR D 23 -14.41 -10.11 -18.15
N LYS D 24 -15.50 -9.80 -17.43
CA LYS D 24 -16.33 -8.61 -17.62
C LYS D 24 -16.92 -8.51 -19.03
N GLY D 25 -17.10 -9.64 -19.70
CA GLY D 25 -17.51 -9.64 -21.09
C GLY D 25 -16.42 -9.31 -22.07
N ARG D 26 -15.17 -9.27 -21.63
CA ARG D 26 -14.03 -8.94 -22.49
C ARG D 26 -13.08 -10.14 -22.52
N ARG D 27 -12.55 -10.43 -23.71
CA ARG D 27 -11.68 -11.57 -23.91
C ARG D 27 -10.24 -11.11 -24.09
N VAL D 28 -9.30 -11.95 -23.66
CA VAL D 28 -7.88 -11.67 -23.78
C VAL D 28 -7.13 -12.78 -24.51
N VAL D 29 -7.44 -14.03 -24.23
CA VAL D 29 -6.63 -15.18 -24.69
C VAL D 29 -7.50 -16.06 -25.59
N GLU D 30 -6.94 -16.46 -26.73
CA GLU D 30 -7.57 -17.40 -27.64
C GLU D 30 -6.49 -18.05 -28.49
N ASP D 31 -6.60 -19.37 -28.70
CA ASP D 31 -5.74 -20.17 -29.58
C ASP D 31 -4.27 -20.11 -29.13
N VAL D 32 -4.00 -20.68 -27.96
CA VAL D 32 -2.64 -20.80 -27.43
C VAL D 32 -2.30 -22.28 -27.31
N SER D 33 -1.24 -22.70 -28.02
CA SER D 33 -0.87 -24.11 -28.08
C SER D 33 0.65 -24.29 -27.96
N LEU D 34 1.25 -23.66 -26.95
CA LEU D 34 2.70 -23.77 -26.77
C LEU D 34 3.06 -25.08 -26.07
N THR D 35 4.26 -25.58 -26.37
CA THR D 35 4.82 -26.75 -25.71
C THR D 35 6.25 -26.47 -25.28
N VAL D 36 6.76 -27.31 -24.37
CA VAL D 36 8.16 -27.34 -24.00
C VAL D 36 8.64 -28.78 -24.10
N ASN D 37 9.96 -28.95 -24.07
CA ASN D 37 10.57 -30.27 -24.02
C ASN D 37 11.71 -30.26 -23.00
N SER D 38 12.19 -31.45 -22.67
CA SER D 38 13.25 -31.62 -21.69
C SER D 38 14.57 -31.22 -22.33
N GLY D 39 14.99 -29.98 -22.08
CA GLY D 39 16.30 -29.55 -22.53
C GLY D 39 16.28 -28.37 -23.46
N GLU D 40 15.22 -27.55 -23.40
CA GLU D 40 15.10 -26.39 -24.27
C GLU D 40 14.57 -25.21 -23.47
N ILE D 41 14.97 -24.02 -23.90
CA ILE D 41 14.65 -22.78 -23.22
C ILE D 41 13.68 -22.01 -24.11
N VAL D 42 12.42 -21.90 -23.68
CA VAL D 42 11.35 -21.38 -24.52
C VAL D 42 10.95 -20.01 -24.02
N GLY D 43 11.09 -19.00 -24.86
CA GLY D 43 10.63 -17.67 -24.50
C GLY D 43 9.13 -17.51 -24.68
N LEU D 44 8.60 -16.47 -24.04
CA LEU D 44 7.19 -16.09 -24.21
C LEU D 44 7.09 -14.57 -24.28
N LEU D 45 7.96 -13.95 -25.08
CA LEU D 45 8.06 -12.50 -25.16
C LEU D 45 6.84 -11.91 -25.87
N GLY D 46 6.80 -10.57 -25.91
CA GLY D 46 5.73 -9.85 -26.56
C GLY D 46 5.50 -8.47 -25.98
N PRO D 47 4.48 -7.77 -26.49
CA PRO D 47 4.13 -6.46 -25.91
C PRO D 47 3.49 -6.54 -24.55
N ASN D 48 3.24 -5.40 -23.92
CA ASN D 48 2.79 -5.34 -22.54
C ASN D 48 1.27 -5.37 -22.46
N GLY D 49 0.75 -6.22 -21.58
CA GLY D 49 -0.67 -6.30 -21.34
C GLY D 49 -1.47 -7.03 -22.39
N ALA D 50 -0.88 -7.40 -23.52
CA ALA D 50 -1.60 -8.08 -24.57
C ALA D 50 -1.77 -9.57 -24.32
N GLY D 51 -1.24 -10.09 -23.22
CA GLY D 51 -1.46 -11.48 -22.90
C GLY D 51 -0.21 -12.31 -22.70
N LYS D 52 0.91 -11.69 -22.33
CA LYS D 52 2.04 -12.49 -21.88
C LYS D 52 1.76 -13.07 -20.50
N THR D 53 1.37 -12.20 -19.56
CA THR D 53 1.20 -12.60 -18.18
C THR D 53 0.01 -13.52 -18.00
N THR D 54 -1.09 -13.24 -18.71
CA THR D 54 -2.29 -14.07 -18.58
C THR D 54 -2.08 -15.45 -19.18
N THR D 55 -1.27 -15.56 -20.24
CA THR D 55 -0.91 -16.88 -20.74
C THR D 55 0.03 -17.59 -19.78
N PHE D 56 1.01 -16.87 -19.22
CA PHE D 56 2.00 -17.51 -18.36
C PHE D 56 1.42 -17.88 -17.01
N TYR D 57 0.51 -17.06 -16.47
CA TYR D 57 -0.18 -17.47 -15.27
C TYR D 57 -1.24 -18.54 -15.54
N MET D 58 -1.55 -18.82 -16.80
CA MET D 58 -2.48 -19.90 -17.08
C MET D 58 -1.79 -21.25 -17.03
N VAL D 59 -0.52 -21.29 -17.43
CA VAL D 59 0.24 -22.54 -17.40
C VAL D 59 0.51 -22.96 -15.96
N VAL D 60 0.85 -22.01 -15.11
CA VAL D 60 1.02 -22.25 -13.68
C VAL D 60 -0.11 -21.52 -12.98
N GLY D 61 -1.17 -22.25 -12.66
CA GLY D 61 -2.48 -21.68 -12.47
C GLY D 61 -2.71 -20.86 -11.23
N ILE D 62 -2.07 -19.70 -11.15
CA ILE D 62 -2.50 -18.71 -10.17
C ILE D 62 -3.86 -18.14 -10.58
N VAL D 63 -4.11 -18.02 -11.89
CA VAL D 63 -5.40 -17.58 -12.39
C VAL D 63 -6.20 -18.81 -12.84
N PRO D 64 -7.53 -18.78 -12.78
CA PRO D 64 -8.31 -19.95 -13.18
C PRO D 64 -8.38 -20.10 -14.69
N ARG D 65 -8.31 -21.35 -15.13
CA ARG D 65 -8.44 -21.69 -16.54
C ARG D 65 -9.91 -21.69 -16.94
N ASP D 66 -10.21 -21.05 -18.07
CA ASP D 66 -11.56 -21.07 -18.60
C ASP D 66 -11.77 -22.13 -19.67
N ALA D 67 -10.77 -22.41 -20.48
CA ALA D 67 -10.85 -23.43 -21.52
C ALA D 67 -9.45 -23.89 -21.86
N GLY D 68 -9.32 -25.15 -22.26
CA GLY D 68 -8.06 -25.71 -22.67
C GLY D 68 -7.62 -26.83 -21.75
N ASN D 69 -6.47 -27.42 -22.09
CA ASN D 69 -5.91 -28.48 -21.28
C ASN D 69 -4.40 -28.47 -21.36
N ILE D 70 -3.75 -28.81 -20.25
CA ILE D 70 -2.31 -28.98 -20.17
C ILE D 70 -2.01 -30.34 -19.58
N ILE D 71 -1.10 -31.08 -20.21
CA ILE D 71 -0.84 -32.47 -19.84
C ILE D 71 0.66 -32.68 -19.71
N ILE D 72 1.04 -33.63 -18.86
CA ILE D 72 2.41 -34.08 -18.69
C ILE D 72 2.39 -35.59 -18.85
N ASP D 73 2.68 -36.07 -20.06
CA ASP D 73 2.73 -37.51 -20.41
C ASP D 73 1.39 -38.19 -20.14
N ASP D 74 0.34 -37.66 -20.77
CA ASP D 74 -1.05 -38.10 -20.65
C ASP D 74 -1.51 -38.10 -19.19
N ASP D 75 -1.43 -36.92 -18.58
CA ASP D 75 -1.88 -36.69 -17.21
C ASP D 75 -2.57 -35.33 -17.22
N ASP D 76 -3.90 -35.35 -17.30
CA ASP D 76 -4.67 -34.11 -17.43
C ASP D 76 -4.66 -33.39 -16.10
N ILE D 77 -3.69 -32.51 -15.91
CA ILE D 77 -3.47 -31.84 -14.64
C ILE D 77 -3.98 -30.40 -14.66
N SER D 78 -4.92 -30.09 -15.55
CA SER D 78 -5.32 -28.71 -15.78
C SER D 78 -6.18 -28.17 -14.64
N LEU D 79 -7.09 -28.99 -14.11
CA LEU D 79 -7.90 -28.55 -12.98
C LEU D 79 -7.12 -28.56 -11.67
N LEU D 80 -5.95 -29.17 -11.64
CA LEU D 80 -5.21 -29.27 -10.40
C LEU D 80 -4.55 -27.93 -10.07
N PRO D 81 -4.71 -27.43 -8.84
CA PRO D 81 -4.07 -26.17 -8.46
C PRO D 81 -2.59 -26.32 -8.16
N LEU D 82 -1.99 -25.26 -7.60
CA LEU D 82 -0.57 -25.26 -7.28
C LEU D 82 -0.16 -26.26 -6.21
N HIS D 83 -1.12 -26.83 -5.47
CA HIS D 83 -0.81 -27.91 -4.55
C HIS D 83 -0.24 -29.11 -5.28
N ALA D 84 -0.80 -29.44 -6.45
CA ALA D 84 -0.51 -30.69 -7.13
C ALA D 84 0.56 -30.56 -8.20
N ARG D 85 0.71 -29.40 -8.83
CA ARG D 85 1.68 -29.28 -9.92
C ARG D 85 3.11 -29.27 -9.41
N ALA D 86 3.32 -29.01 -8.13
CA ALA D 86 4.64 -29.24 -7.54
C ALA D 86 4.93 -30.73 -7.44
N ARG D 87 3.92 -31.55 -7.22
CA ARG D 87 4.10 -32.99 -7.14
C ARG D 87 4.24 -33.66 -8.50
N ARG D 88 4.15 -32.91 -9.60
CA ARG D 88 4.21 -33.50 -10.93
C ARG D 88 5.37 -33.02 -11.79
N GLY D 89 6.01 -31.91 -11.45
CA GLY D 89 7.17 -31.48 -12.19
C GLY D 89 7.24 -30.01 -12.54
N ILE D 90 6.29 -29.23 -12.05
CA ILE D 90 6.24 -27.80 -12.32
C ILE D 90 6.78 -27.04 -11.12
N GLY D 91 7.76 -26.19 -11.36
CA GLY D 91 8.32 -25.35 -10.32
C GLY D 91 8.29 -23.88 -10.69
N TYR D 92 7.51 -23.10 -9.95
CA TYR D 92 7.35 -21.67 -10.23
C TYR D 92 8.45 -20.88 -9.54
N LEU D 93 8.78 -19.72 -10.11
CA LEU D 93 9.72 -18.80 -9.49
C LEU D 93 9.18 -17.38 -9.60
N PRO D 94 8.91 -16.70 -8.49
CA PRO D 94 8.22 -15.41 -8.56
C PRO D 94 9.11 -14.29 -9.09
N GLN D 95 8.47 -13.15 -9.33
CA GLN D 95 9.11 -12.00 -9.96
C GLN D 95 9.99 -11.24 -8.98
N GLU D 96 9.44 -10.86 -7.84
CA GLU D 96 10.15 -10.04 -6.88
C GLU D 96 10.90 -10.93 -5.88
N ALA D 97 11.39 -10.31 -4.81
CA ALA D 97 12.24 -10.99 -3.82
C ALA D 97 11.41 -11.99 -3.03
N SER D 98 11.58 -13.27 -3.34
CA SER D 98 10.78 -14.34 -2.75
C SER D 98 11.62 -15.27 -1.89
N ILE D 99 12.66 -14.75 -1.27
CA ILE D 99 13.41 -15.57 -0.34
C ILE D 99 12.68 -15.63 0.99
N PHE D 100 12.90 -16.68 1.76
CA PHE D 100 12.44 -16.70 3.14
C PHE D 100 13.19 -15.66 3.95
N ARG D 101 12.47 -14.94 4.79
CA ARG D 101 12.89 -13.60 5.18
C ARG D 101 14.00 -13.64 6.23
N ARG D 102 13.70 -14.17 7.41
CA ARG D 102 14.68 -14.23 8.51
C ARG D 102 14.81 -15.68 8.96
N LEU D 103 15.74 -16.37 8.30
CA LEU D 103 16.00 -17.79 8.47
C LEU D 103 17.32 -18.09 7.77
N SER D 104 18.02 -19.10 8.25
CA SER D 104 19.36 -19.41 7.74
C SER D 104 19.29 -20.04 6.36
N VAL D 105 20.36 -19.84 5.59
CA VAL D 105 20.38 -20.28 4.19
C VAL D 105 20.44 -21.79 4.10
N TYR D 106 21.22 -22.44 4.97
CA TYR D 106 21.16 -23.90 5.05
C TYR D 106 19.82 -24.36 5.57
N ASP D 107 19.23 -23.62 6.50
CA ASP D 107 17.91 -23.98 7.00
C ASP D 107 16.84 -23.69 5.96
N ASN D 108 17.13 -22.84 4.99
CA ASN D 108 16.17 -22.48 3.95
C ASN D 108 15.97 -23.62 2.96
N LEU D 109 17.04 -24.35 2.63
CA LEU D 109 16.90 -25.47 1.71
C LEU D 109 16.22 -26.65 2.38
N MET D 110 16.30 -26.76 3.70
CA MET D 110 15.71 -27.89 4.40
C MET D 110 14.19 -27.81 4.42
N ALA D 111 13.64 -26.60 4.41
CA ALA D 111 12.19 -26.41 4.44
C ALA D 111 11.52 -26.88 3.16
N VAL D 112 12.24 -26.90 2.05
CA VAL D 112 11.72 -27.53 0.84
C VAL D 112 11.70 -29.05 1.02
N LEU D 113 12.71 -29.59 1.69
CA LEU D 113 12.91 -31.03 1.79
C LEU D 113 12.10 -31.69 2.90
N GLN D 114 11.06 -31.06 3.44
CA GLN D 114 10.17 -31.79 4.33
C GLN D 114 9.30 -32.77 3.55
N ILE D 115 8.44 -32.26 2.68
CA ILE D 115 7.57 -33.12 1.88
C ILE D 115 8.36 -33.45 0.62
N ARG D 116 9.25 -34.42 0.77
CA ARG D 116 10.03 -35.05 -0.28
C ARG D 116 10.10 -36.53 0.08
N ASP D 117 8.95 -37.09 0.47
CA ASP D 117 8.88 -38.37 1.19
C ASP D 117 9.30 -39.57 0.36
N ASP D 118 9.38 -39.46 -0.96
CA ASP D 118 9.96 -40.54 -1.76
C ASP D 118 11.46 -40.64 -1.54
N LEU D 119 12.12 -39.52 -1.27
CA LEU D 119 13.54 -39.52 -0.93
C LEU D 119 13.68 -39.61 0.58
N SER D 120 14.39 -40.63 1.04
CA SER D 120 14.52 -40.92 2.47
C SER D 120 15.28 -39.80 3.19
N ALA D 121 15.02 -39.67 4.49
CA ALA D 121 15.43 -38.51 5.26
C ALA D 121 16.84 -38.64 5.85
N GLU D 122 17.69 -39.49 5.28
CA GLU D 122 19.07 -39.55 5.70
C GLU D 122 20.05 -39.02 4.66
N GLN D 123 19.65 -38.93 3.40
CA GLN D 123 20.35 -38.11 2.42
C GLN D 123 19.70 -36.74 2.27
N ARG D 124 18.63 -36.50 3.02
CA ARG D 124 17.97 -35.19 3.04
C ARG D 124 18.86 -34.13 3.66
N GLU D 125 19.68 -34.50 4.64
CA GLU D 125 20.71 -33.61 5.16
C GLU D 125 22.03 -33.71 4.40
N ASP D 126 22.05 -34.49 3.31
CA ASP D 126 23.27 -34.76 2.55
C ASP D 126 23.19 -34.25 1.13
N ARG D 127 22.03 -34.36 0.47
CA ARG D 127 21.87 -33.80 -0.86
C ARG D 127 21.93 -32.27 -0.82
N ALA D 128 21.40 -31.66 0.24
CA ALA D 128 21.50 -30.22 0.41
C ALA D 128 22.94 -29.77 0.62
N ASN D 129 23.77 -30.62 1.23
CA ASN D 129 25.21 -30.36 1.27
C ASN D 129 25.80 -30.37 -0.14
N GLU D 130 25.35 -31.30 -0.97
CA GLU D 130 25.80 -31.33 -2.37
C GLU D 130 25.17 -30.19 -3.16
N LEU D 131 23.92 -29.84 -2.86
CA LEU D 131 23.21 -28.89 -3.69
C LEU D 131 23.65 -27.45 -3.44
N MET D 132 24.19 -27.16 -2.25
CA MET D 132 24.78 -25.84 -2.03
C MET D 132 26.07 -25.65 -2.80
N GLU D 133 26.71 -26.72 -3.27
CA GLU D 133 28.00 -26.60 -3.92
C GLU D 133 27.87 -25.99 -5.32
N GLU D 134 26.96 -26.53 -6.13
CA GLU D 134 26.99 -26.25 -7.56
C GLU D 134 26.49 -24.87 -7.92
N PHE D 135 25.72 -24.21 -7.05
CA PHE D 135 25.29 -22.84 -7.30
C PHE D 135 26.16 -21.81 -6.60
N HIS D 136 27.33 -22.24 -6.11
CA HIS D 136 28.37 -21.37 -5.55
C HIS D 136 27.89 -20.56 -4.34
N ILE D 137 26.89 -21.07 -3.63
CA ILE D 137 26.36 -20.38 -2.46
C ILE D 137 27.01 -20.84 -1.17
N GLU D 138 27.85 -21.88 -1.21
CA GLU D 138 28.40 -22.48 0.00
C GLU D 138 29.51 -21.66 0.64
N HIS D 139 29.85 -20.50 0.05
CA HIS D 139 30.65 -19.49 0.73
C HIS D 139 30.06 -19.13 2.09
N LEU D 140 28.75 -18.97 2.15
CA LEU D 140 28.03 -18.73 3.39
C LEU D 140 27.05 -19.87 3.65
N ARG D 141 26.93 -20.28 4.90
CA ARG D 141 26.00 -21.34 5.25
C ARG D 141 24.99 -20.92 6.31
N ASP D 142 25.39 -20.11 7.27
CA ASP D 142 24.46 -19.52 8.22
C ASP D 142 24.43 -18.02 8.00
N SER D 143 23.35 -17.54 7.39
CA SER D 143 23.14 -16.11 7.20
C SER D 143 21.65 -15.85 7.11
N MET D 144 21.19 -14.83 7.82
CA MET D 144 19.81 -14.41 7.69
C MET D 144 19.58 -13.78 6.32
N GLY D 145 18.36 -13.95 5.81
CA GLY D 145 18.04 -13.52 4.46
C GLY D 145 17.98 -12.03 4.25
N GLN D 146 18.05 -11.24 5.33
CA GLN D 146 18.14 -9.79 5.20
C GLN D 146 19.41 -9.37 4.51
N SER D 147 20.55 -9.94 4.91
CA SER D 147 21.86 -9.46 4.47
C SER D 147 22.33 -10.22 3.23
N LEU D 148 21.51 -10.18 2.18
CA LEU D 148 21.89 -10.70 0.88
C LEU D 148 21.54 -9.69 -0.20
N SER D 149 22.36 -9.67 -1.24
CA SER D 149 22.21 -8.73 -2.34
C SER D 149 21.43 -9.38 -3.48
N GLY D 150 20.94 -8.53 -4.39
CA GLY D 150 20.09 -8.94 -5.50
C GLY D 150 20.72 -9.85 -6.53
N GLY D 151 22.02 -10.11 -6.44
CA GLY D 151 22.67 -11.09 -7.30
C GLY D 151 22.98 -12.37 -6.57
N GLU D 152 23.43 -12.26 -5.32
CA GLU D 152 23.70 -13.45 -4.52
C GLU D 152 22.41 -14.16 -4.11
N ARG D 153 21.33 -13.40 -3.92
CA ARG D 153 20.05 -14.00 -3.59
C ARG D 153 19.44 -14.70 -4.81
N ARG D 154 19.76 -14.23 -6.01
CA ARG D 154 19.21 -14.80 -7.23
C ARG D 154 19.68 -16.23 -7.46
N ARG D 155 20.87 -16.57 -6.96
CA ARG D 155 21.33 -17.96 -7.02
C ARG D 155 20.71 -18.85 -5.95
N VAL D 156 19.84 -18.31 -5.09
CA VAL D 156 19.25 -19.08 -4.01
C VAL D 156 17.77 -19.35 -4.24
N GLU D 157 17.04 -18.37 -4.79
CA GLU D 157 15.64 -18.58 -5.19
C GLU D 157 15.51 -19.66 -6.24
N ILE D 158 16.50 -19.76 -7.15
CA ILE D 158 16.51 -20.86 -8.10
C ILE D 158 16.78 -22.18 -7.39
N ALA D 159 17.66 -22.15 -6.38
CA ALA D 159 18.01 -23.36 -5.64
C ALA D 159 16.86 -23.91 -4.81
N ARG D 160 15.86 -23.09 -4.49
CA ARG D 160 14.70 -23.55 -3.74
C ARG D 160 13.87 -24.52 -4.57
N ALA D 161 13.36 -24.05 -5.71
CA ALA D 161 12.50 -24.86 -6.55
C ALA D 161 13.28 -25.98 -7.23
N LEU D 162 14.59 -25.83 -7.35
CA LEU D 162 15.42 -26.92 -7.87
C LEU D 162 15.50 -28.05 -6.86
N ALA D 163 15.36 -27.74 -5.57
CA ALA D 163 15.45 -28.76 -4.53
C ALA D 163 14.19 -29.61 -4.41
N ALA D 164 13.08 -29.19 -5.00
CA ALA D 164 11.87 -29.99 -5.01
C ALA D 164 11.85 -31.03 -6.11
N ASN D 165 12.94 -31.15 -6.88
CA ASN D 165 13.18 -32.03 -8.01
C ASN D 165 12.06 -31.96 -9.05
N PRO D 166 11.96 -30.89 -9.81
CA PRO D 166 10.91 -30.85 -10.84
C PRO D 166 11.38 -31.45 -12.15
N LYS D 167 10.50 -31.53 -13.13
CA LYS D 167 10.92 -31.74 -14.50
C LYS D 167 11.02 -30.44 -15.28
N PHE D 168 10.16 -29.49 -14.97
CA PHE D 168 9.97 -28.28 -15.76
C PHE D 168 10.02 -27.08 -14.81
N ILE D 169 11.18 -26.44 -14.71
CA ILE D 169 11.27 -25.19 -13.97
C ILE D 169 10.58 -24.09 -14.78
N LEU D 170 9.92 -23.18 -14.09
CA LEU D 170 9.14 -22.12 -14.71
C LEU D 170 9.60 -20.78 -14.13
N LEU D 171 10.21 -19.95 -14.96
CA LEU D 171 10.78 -18.69 -14.51
C LEU D 171 9.90 -17.52 -14.94
N ASP D 172 9.89 -16.48 -14.12
CA ASP D 172 9.06 -15.31 -14.35
C ASP D 172 9.94 -14.07 -14.24
N GLU D 173 10.49 -13.65 -15.36
CA GLU D 173 11.33 -12.47 -15.55
C GLU D 173 12.57 -12.46 -14.67
N PRO D 174 13.57 -13.32 -14.93
CA PRO D 174 14.81 -13.23 -14.14
C PRO D 174 15.69 -12.07 -14.55
N PHE D 175 15.44 -11.46 -15.71
CA PHE D 175 16.16 -10.27 -16.15
C PHE D 175 15.41 -9.02 -15.72
N ALA D 176 15.06 -8.94 -14.44
CA ALA D 176 14.11 -7.92 -13.96
C ALA D 176 14.85 -6.64 -13.58
N GLY D 177 15.56 -6.08 -14.55
CA GLY D 177 16.27 -4.83 -14.33
C GLY D 177 17.46 -4.96 -13.42
N VAL D 178 18.51 -5.65 -13.89
CA VAL D 178 19.79 -5.66 -13.22
C VAL D 178 20.86 -5.19 -14.21
N ASP D 179 22.05 -4.96 -13.69
CA ASP D 179 23.16 -4.50 -14.51
C ASP D 179 23.60 -5.60 -15.48
N PRO D 180 24.03 -5.25 -16.70
CA PRO D 180 24.30 -6.27 -17.71
C PRO D 180 25.54 -7.12 -17.46
N ILE D 181 26.33 -6.84 -16.42
CA ILE D 181 27.36 -7.79 -16.01
C ILE D 181 26.77 -8.91 -15.17
N SER D 182 25.53 -8.75 -14.70
CA SER D 182 24.81 -9.82 -14.03
C SER D 182 23.84 -10.54 -14.95
N VAL D 183 23.68 -10.07 -16.18
CA VAL D 183 22.93 -10.83 -17.17
C VAL D 183 23.72 -12.09 -17.56
N ILE D 184 25.03 -11.93 -17.79
CA ILE D 184 25.88 -13.07 -18.07
C ILE D 184 26.15 -13.92 -16.84
N ASP D 185 25.79 -13.43 -15.65
CA ASP D 185 25.78 -14.30 -14.47
C ASP D 185 24.57 -15.22 -14.51
N ILE D 186 23.39 -14.66 -14.81
CA ILE D 186 22.17 -15.47 -14.89
C ILE D 186 22.22 -16.37 -16.12
N LYS D 187 22.85 -15.90 -17.20
CA LYS D 187 22.92 -16.68 -18.43
C LYS D 187 23.77 -17.94 -18.27
N ARG D 188 24.72 -17.97 -17.34
CA ARG D 188 25.41 -19.21 -17.05
C ARG D 188 24.52 -20.18 -16.29
N ILE D 189 23.61 -19.66 -15.46
CA ILE D 189 22.73 -20.52 -14.66
C ILE D 189 21.70 -21.20 -15.56
N ILE D 190 21.14 -20.45 -16.50
CA ILE D 190 20.11 -21.00 -17.38
C ILE D 190 20.71 -22.04 -18.32
N GLU D 191 21.93 -21.80 -18.79
CA GLU D 191 22.63 -22.80 -19.59
C GLU D 191 23.10 -23.98 -18.76
N HIS D 192 23.11 -23.85 -17.43
CA HIS D 192 23.52 -24.96 -16.57
C HIS D 192 22.34 -25.84 -16.19
N LEU D 193 21.17 -25.25 -15.96
CA LEU D 193 19.98 -26.03 -15.62
C LEU D 193 19.20 -26.46 -16.86
N ARG D 194 19.72 -26.22 -18.06
CA ARG D 194 19.21 -26.93 -19.22
C ARG D 194 19.98 -28.22 -19.47
N ASP D 195 21.17 -28.34 -18.88
CA ASP D 195 21.97 -29.56 -19.03
C ASP D 195 21.34 -30.72 -18.29
N SER D 196 20.70 -30.46 -17.15
CA SER D 196 20.11 -31.54 -16.36
C SER D 196 18.64 -31.76 -16.73
N GLY D 197 18.37 -31.88 -18.03
CA GLY D 197 17.08 -32.31 -18.54
C GLY D 197 15.86 -31.45 -18.24
N LEU D 198 16.06 -30.24 -17.73
CA LEU D 198 14.95 -29.41 -17.27
C LEU D 198 14.51 -28.47 -18.38
N GLY D 199 13.27 -28.59 -18.82
CA GLY D 199 12.70 -27.58 -19.69
C GLY D 199 12.34 -26.33 -18.91
N VAL D 200 12.46 -25.18 -19.57
CA VAL D 200 12.17 -23.91 -18.91
C VAL D 200 11.44 -22.98 -19.88
N LEU D 201 10.26 -22.52 -19.46
CA LEU D 201 9.58 -21.42 -20.10
C LEU D 201 9.94 -20.13 -19.39
N ILE D 202 10.01 -19.04 -20.14
CA ILE D 202 10.47 -17.76 -19.59
C ILE D 202 9.72 -16.62 -20.27
N THR D 203 9.25 -15.67 -19.48
CA THR D 203 8.68 -14.44 -19.98
C THR D 203 9.58 -13.29 -19.60
N ASP D 204 9.43 -12.17 -20.31
CA ASP D 204 10.35 -11.05 -20.17
C ASP D 204 9.76 -9.86 -20.90
N HIS D 205 10.39 -8.70 -20.71
CA HIS D 205 10.29 -7.59 -21.64
C HIS D 205 11.63 -7.20 -22.23
N ASN D 206 12.73 -7.67 -21.64
CA ASN D 206 14.08 -7.45 -22.17
C ASN D 206 14.29 -8.43 -23.33
N VAL D 207 13.76 -8.05 -24.50
CA VAL D 207 13.77 -8.98 -25.61
C VAL D 207 15.11 -9.01 -26.33
N ARG D 208 15.98 -8.03 -26.09
CA ARG D 208 17.32 -8.08 -26.64
C ARG D 208 18.17 -9.14 -25.95
N GLU D 209 17.84 -9.49 -24.70
CA GLU D 209 18.59 -10.51 -23.98
C GLU D 209 17.87 -11.84 -23.87
N THR D 210 16.56 -11.88 -24.12
CA THR D 210 15.85 -13.16 -24.12
C THR D 210 16.23 -13.98 -25.33
N LEU D 211 16.43 -13.33 -26.47
CA LEU D 211 16.68 -14.02 -27.73
C LEU D 211 18.14 -14.46 -27.89
N ALA D 212 18.92 -14.47 -26.82
CA ALA D 212 20.24 -15.05 -26.84
C ALA D 212 20.32 -16.36 -26.05
N VAL D 213 19.37 -16.61 -25.17
CA VAL D 213 19.39 -17.80 -24.33
C VAL D 213 18.44 -18.88 -24.84
N CYS D 214 17.85 -18.68 -26.01
CA CYS D 214 16.66 -19.40 -26.43
C CYS D 214 16.96 -20.40 -27.54
N GLU D 215 16.02 -21.32 -27.74
CA GLU D 215 16.02 -22.23 -28.89
C GLU D 215 14.83 -22.01 -29.81
N ARG D 216 13.62 -21.95 -29.28
CA ARG D 216 12.49 -21.47 -30.06
C ARG D 216 11.57 -20.68 -29.15
N ALA D 217 11.00 -19.61 -29.68
CA ALA D 217 10.24 -18.66 -28.90
C ALA D 217 8.78 -18.72 -29.29
N TYR D 218 8.01 -17.79 -28.74
CA TYR D 218 6.64 -17.56 -29.16
C TYR D 218 6.41 -16.07 -29.13
N ILE D 219 5.15 -15.66 -29.28
CA ILE D 219 4.76 -14.25 -29.20
C ILE D 219 3.29 -14.23 -28.84
N VAL D 220 2.83 -13.11 -28.26
CA VAL D 220 1.43 -12.91 -27.97
C VAL D 220 1.08 -11.49 -28.39
N SER D 221 0.25 -11.35 -29.42
CA SER D 221 -0.27 -10.06 -29.84
C SER D 221 -1.79 -10.13 -29.75
N GLN D 222 -2.29 -9.84 -28.55
CA GLN D 222 -3.73 -9.81 -28.24
C GLN D 222 -4.41 -11.15 -28.50
N GLY D 223 -3.67 -12.24 -28.29
CA GLY D 223 -4.22 -13.57 -28.41
C GLY D 223 -3.48 -14.50 -29.35
N HIS D 224 -3.03 -13.99 -30.48
CA HIS D 224 -2.57 -14.86 -31.56
C HIS D 224 -1.17 -15.41 -31.27
N LEU D 225 -0.73 -16.30 -32.16
CA LEU D 225 0.61 -16.90 -32.11
C LEU D 225 1.24 -16.69 -33.49
N ILE D 226 2.21 -15.79 -33.56
CA ILE D 226 2.75 -15.37 -34.85
C ILE D 226 4.23 -15.80 -34.88
N ALA D 227 4.64 -16.58 -33.88
CA ALA D 227 6.07 -16.88 -33.73
C ALA D 227 6.36 -18.33 -33.41
N HIS D 228 5.86 -19.28 -34.22
CA HIS D 228 6.10 -20.70 -33.99
C HIS D 228 7.56 -21.16 -34.00
N GLY D 229 8.49 -20.29 -34.41
CA GLY D 229 9.83 -20.79 -34.72
C GLY D 229 11.01 -20.15 -34.03
N THR D 230 12.18 -20.36 -34.63
CA THR D 230 13.48 -20.07 -34.04
C THR D 230 13.72 -18.55 -33.96
N PRO D 231 14.74 -18.11 -33.21
CA PRO D 231 15.12 -16.68 -33.28
C PRO D 231 15.58 -16.20 -34.65
N THR D 232 16.04 -17.10 -35.53
CA THR D 232 16.43 -16.70 -36.88
C THR D 232 15.22 -16.29 -37.72
N GLU D 233 14.03 -16.78 -37.40
CA GLU D 233 12.82 -16.44 -38.12
C GLU D 233 12.18 -15.15 -37.61
N ILE D 234 12.85 -14.43 -36.72
CA ILE D 234 12.33 -13.18 -36.19
C ILE D 234 12.79 -11.99 -37.01
N LEU D 235 14.06 -11.98 -37.42
CA LEU D 235 14.58 -10.94 -38.32
C LEU D 235 14.17 -11.16 -39.76
N GLN D 236 13.36 -12.18 -40.06
CA GLN D 236 12.92 -12.48 -41.42
C GLN D 236 11.42 -12.22 -41.59
N ASP D 237 10.64 -12.53 -40.55
CA ASP D 237 9.18 -12.45 -40.64
C ASP D 237 8.72 -11.00 -40.73
N GLU D 238 7.60 -10.79 -41.42
CA GLU D 238 7.08 -9.45 -41.69
C GLU D 238 6.07 -9.00 -40.63
N HIS D 239 5.16 -9.87 -40.23
CA HIS D 239 4.13 -9.51 -39.25
C HIS D 239 4.73 -9.61 -37.85
N VAL D 240 5.68 -8.72 -37.57
CA VAL D 240 6.24 -8.58 -36.24
C VAL D 240 6.24 -7.09 -35.93
N LYS D 241 6.13 -6.27 -36.99
CA LYS D 241 6.14 -4.81 -36.96
C LYS D 241 7.34 -4.23 -36.22
N MET E 18 -11.23 -5.46 -7.94
CA MET E 18 -12.15 -6.05 -6.98
C MET E 18 -12.76 -7.32 -7.58
N SER E 19 -14.02 -7.57 -7.24
CA SER E 19 -14.76 -8.67 -7.84
C SER E 19 -16.24 -8.32 -7.87
N LYS E 20 -17.02 -9.21 -8.47
CA LYS E 20 -18.46 -9.03 -8.51
C LYS E 20 -19.09 -9.29 -7.13
N ALA E 21 -18.45 -10.11 -6.31
CA ALA E 21 -18.96 -10.44 -4.98
C ALA E 21 -18.22 -9.71 -3.86
N ARG E 22 -16.96 -9.35 -4.06
CA ARG E 22 -16.18 -8.72 -3.00
C ARG E 22 -16.66 -7.30 -2.71
N ARG E 23 -17.25 -6.62 -3.69
CA ARG E 23 -17.96 -5.37 -3.44
C ARG E 23 -19.43 -5.61 -3.14
N TRP E 24 -19.78 -6.81 -2.71
CA TRP E 24 -21.14 -7.13 -2.28
C TRP E 24 -21.16 -7.90 -0.97
N VAL E 25 -20.03 -8.44 -0.53
CA VAL E 25 -19.94 -9.03 0.81
C VAL E 25 -19.69 -7.94 1.84
N ILE E 26 -18.81 -6.98 1.53
CA ILE E 26 -18.43 -5.96 2.49
C ILE E 26 -19.51 -4.89 2.63
N ILE E 27 -20.60 -5.01 1.88
CA ILE E 27 -21.76 -4.17 2.09
C ILE E 27 -22.78 -4.85 2.97
N VAL E 28 -23.13 -6.11 2.65
CA VAL E 28 -24.16 -6.82 3.38
C VAL E 28 -23.66 -7.22 4.76
N LEU E 29 -22.45 -7.80 4.83
CA LEU E 29 -21.93 -8.26 6.10
C LEU E 29 -21.59 -7.10 7.02
N SER E 30 -21.17 -5.96 6.46
CA SER E 30 -20.95 -4.77 7.29
C SER E 30 -22.26 -4.20 7.79
N LEU E 31 -23.32 -4.30 6.99
CA LEU E 31 -24.62 -3.82 7.43
C LEU E 31 -25.19 -4.69 8.55
N ALA E 32 -24.91 -5.99 8.52
CA ALA E 32 -25.30 -6.85 9.62
C ALA E 32 -24.49 -6.61 10.87
N VAL E 33 -23.26 -6.09 10.73
CA VAL E 33 -22.53 -5.63 11.91
C VAL E 33 -23.11 -4.31 12.41
N LEU E 34 -23.45 -3.42 11.47
CA LEU E 34 -23.79 -2.06 11.83
C LEU E 34 -25.18 -1.95 12.45
N VAL E 35 -26.11 -2.80 12.05
CA VAL E 35 -27.41 -2.82 12.73
C VAL E 35 -27.32 -3.55 14.06
N MET E 36 -26.34 -4.44 14.24
CA MET E 36 -26.29 -5.25 15.43
C MET E 36 -25.69 -4.51 16.60
N ILE E 37 -24.94 -3.43 16.34
CA ILE E 37 -24.46 -2.59 17.43
C ILE E 37 -25.62 -1.89 18.11
N GLY E 38 -26.62 -1.51 17.33
CA GLY E 38 -27.80 -0.82 17.85
C GLY E 38 -28.72 -1.70 18.66
N ILE E 39 -28.54 -3.03 18.64
CA ILE E 39 -29.37 -3.89 19.47
C ILE E 39 -28.95 -3.76 20.93
N ASN E 40 -27.66 -3.69 21.19
CA ASN E 40 -27.14 -3.58 22.54
C ASN E 40 -26.42 -2.25 22.76
N MET E 41 -26.98 -1.17 22.24
CA MET E 41 -26.43 0.15 22.45
C MET E 41 -27.16 0.84 23.61
C48 PGT F . -25.79 -13.20 9.37
C47 PGT F . -24.28 -13.28 9.25
C46 PGT F . -23.75 -14.65 9.65
C45 PGT F . -22.69 -15.14 8.69
C44 PGT F . -22.72 -14.34 7.39
C43 PGT F . -21.95 -15.03 6.29
C42 PGT F . -21.95 -14.19 5.01
C41 PGT F . -21.04 -14.79 3.95
C40 PGT F . -20.17 -15.89 4.53
C39 PGT F . -18.71 -15.47 4.51
C38 PGT F . -18.36 -14.87 3.16
C37 PGT F . -17.13 -13.98 3.27
C36 PGT F . -15.89 -14.81 3.54
C35 PGT F . -14.78 -14.37 2.62
C34 PGT F . -15.37 -13.89 1.31
C33 PGT F . -14.43 -14.22 0.15
C32 PGT F . -13.08 -14.71 0.64
C31 PGT F . -12.49 -15.64 -0.41
O31 PGT F . -12.28 -16.80 -0.17
O2 PGT F . -12.17 -15.14 -1.74
C2 PGT F . -13.31 -15.02 -2.60
C1 PGT F . -13.79 -13.58 -2.63
O3P PGT F . -12.87 -12.80 -3.38
P PGT F . -12.54 -13.19 -4.90
O1P PGT F . -13.29 -14.45 -5.24
O2P PGT F . -12.73 -11.96 -5.74
O4P PGT F . -10.98 -13.54 -4.86
C4 PGT F . -10.49 -14.74 -4.27
C5 PGT F . -10.76 -15.90 -5.22
O5 PGT F . -12.17 -16.16 -5.18
C6 PGT F . -9.99 -17.12 -4.76
O6 PGT F . -10.65 -18.32 -5.21
C3 PGT F . -14.46 -15.92 -2.14
O3 PGT F . -15.62 -15.58 -2.90
C11 PGT F . -16.70 -14.83 -2.27
O11 PGT F . -16.44 -13.84 -1.63
C12 PGT F . -18.12 -15.30 -2.43
C13 PGT F . -18.50 -16.15 -1.23
C14 PGT F . -20.00 -16.12 -0.99
C15 PGT F . -20.74 -15.56 -2.20
C16 PGT F . -21.99 -14.80 -1.77
C17 PGT F . -22.44 -15.23 -0.38
C18 PGT F . -23.22 -16.53 -0.44
C19 PGT F . -23.78 -16.88 0.93
C20 PGT F . -25.01 -17.77 0.82
C21 PGT F . -26.06 -17.37 1.84
C22 PGT F . -25.79 -15.97 2.38
C23 PGT F . -26.93 -15.50 3.26
C24 PGT F . -26.64 -14.13 3.85
C25 PGT F . -25.47 -13.47 3.13
C26 PGT F . -24.47 -12.91 4.12
#